data_9C6Q
#
_entry.id   9C6Q
#
_cell.length_a   1.00
_cell.length_b   1.00
_cell.length_c   1.00
_cell.angle_alpha   90.00
_cell.angle_beta   90.00
_cell.angle_gamma   90.00
#
_symmetry.space_group_name_H-M   'P 1'
#
loop_
_entity.id
_entity.type
_entity.pdbx_description
1 polymer ssDNA
2 polymer 'Helicase/UvrB N-terminal domain-containing protein'
#
loop_
_entity_poly.entity_id
_entity_poly.type
_entity_poly.pdbx_seq_one_letter_code
_entity_poly.pdbx_strand_id
1 'polydeoxyribonucleotide' (DC)(DT)(DA)(DT)(DT)(DA)(DG)(DC)(DC)(DT)(DC)(DA) A
2 'polypeptide(L)'
;MNVSIEEFTHFDFQLVPEPSPLDLVITEPLKNHIEVNGVKSGALLPLPFQTGIGKTYTALNFLLQQMLEQVRSELKEENT
GKKSKRLLYYVTDSVDNVVSAKADLLKLIEKQTVKGEPRFTLEQQEYLKAQIVHLPNQSEQLLQCSDAVLNDVLIGFNLN
AERDVQAEWSAISGLRRHASNPEVKISLNRQAGYFYRNLIDRLQKKQKGADRVLLSGSLLASVETLLPGEKIRNGSAHVA
FLTTSKFLKGFHNTRSRYSPLRDLSGAVLIIDEIDKQNQVILSELCKQQAQDLIWAIRTLRANFRDHQLESSPRYDKIED
LFEPLRERLEEFGTNWNLAFAFNTEGANLNERPVRLFSDRSFTHVSSATHKLSLKSDFLRRKNLIFSDEKVEGSLIEKHG
LLTRFVNEADVIYQWFLGTMRKAVFQYWENVRGLEIEVRENRSLEGTFQEAVQSLLTHFNLQEFESAVYESFDTRGLRQS
AGGKANKLSSSKSYHHTGLKLVEVAHNQGTRDTVNCKASFLNTSPSGVLADMVDAGAVILGISATARADTVIHNFDFKYL
NERLGNKLLSLSREQKQRVNNYYHSRRNYKDNGVVLTVKYLNSRDAFLDALLEEYKPEARSSHFILNHYLGIAESEQAFV
RSWLSKLLASIKAFISSPDNRYMLSLLNRTLDTTRQNINDFIQFCCDKWAKEFNVKTKTFFGVNADWMRLVGYDEISKHL
NTELGKVVVFSTYASMGAGKNPDYAVNLALEGESLISVADVTYSTQLRSDIDSIYLEKPTQLLLSDDYSHTANQLCQFHQ
ILSLQENGELSPKSAENWCRQQLMGMSRERSLQQYHQTSDYQSAVRKYIEQAVGRAGRTSLKRKQILLFVDSGLKEILAE
ESRDPSLFSHEYVALVNKAKSAGKSIVEDRAVRRLFNLAQRNNKDGMLSIKALVHRLHNQPASKSDIQEWQDIRTQLLRY
PTVAFQPERFNRLYLQSMTKGYYRYQGNLDGDPNSFEFFDRVPYGDMVSEEDCSLATLVQNQYVRPWFERKGFACSWQKE
ANVMTPIMFTNIYKGALGEQAVEAVLTAFDFTFEEVPNSIYERFDNRVIFAGIEQPIWLDSKYWKHEGNESSEGYSSKIA
LVEEEFGPSKFIYVNALGDTSKPIRYLNSCFVETSPQLAKVIEIPALIDDSNADTNRTAVQELIKWLHHS
;
C
#
# COMPACT_ATOMS: atom_id res chain seq x y z
N MET B 1 -40.80 31.02 -7.29
CA MET B 1 -40.22 29.74 -6.88
C MET B 1 -40.85 29.28 -5.56
N ASN B 2 -41.28 28.02 -5.53
CA ASN B 2 -41.90 27.42 -4.35
C ASN B 2 -41.31 26.04 -4.08
N VAL B 3 -40.00 25.90 -4.29
CA VAL B 3 -39.33 24.62 -4.09
C VAL B 3 -39.14 24.39 -2.60
N SER B 4 -39.85 23.40 -2.05
CA SER B 4 -39.80 23.10 -0.63
C SER B 4 -39.78 21.59 -0.44
N ILE B 5 -39.28 21.18 0.74
CA ILE B 5 -39.18 19.76 1.05
C ILE B 5 -40.57 19.14 1.23
N GLU B 6 -41.55 19.92 1.68
CA GLU B 6 -42.87 19.40 1.98
C GLU B 6 -43.65 18.98 0.75
N GLU B 7 -43.16 19.30 -0.46
CA GLU B 7 -43.91 19.00 -1.68
C GLU B 7 -44.06 17.50 -1.92
N PHE B 8 -43.15 16.68 -1.38
CA PHE B 8 -43.13 15.26 -1.71
C PHE B 8 -44.14 14.42 -0.91
N THR B 9 -45.18 15.03 -0.33
CA THR B 9 -46.15 14.26 0.42
C THR B 9 -46.97 13.35 -0.51
N HIS B 10 -47.43 13.88 -1.63
CA HIS B 10 -48.31 13.15 -2.54
C HIS B 10 -47.50 12.59 -3.70
N PHE B 11 -46.77 11.51 -3.45
CA PHE B 11 -46.02 10.83 -4.49
C PHE B 11 -45.79 9.38 -4.05
N ASP B 12 -46.19 8.45 -4.90
CA ASP B 12 -46.16 7.03 -4.55
C ASP B 12 -44.73 6.52 -4.52
N PHE B 13 -44.30 6.01 -3.36
CA PHE B 13 -42.99 5.39 -3.21
C PHE B 13 -43.08 3.87 -3.41
N GLN B 14 -43.71 3.45 -4.50
CA GLN B 14 -43.89 2.02 -4.76
C GLN B 14 -43.63 1.61 -6.19
N LEU B 15 -43.58 2.52 -7.15
CA LEU B 15 -43.36 2.19 -8.54
C LEU B 15 -41.88 2.38 -8.88
N VAL B 16 -41.28 1.35 -9.47
CA VAL B 16 -39.86 1.36 -9.81
C VAL B 16 -39.70 0.86 -11.23
N PRO B 17 -38.61 1.24 -11.91
CA PRO B 17 -38.34 0.69 -13.24
C PRO B 17 -37.97 -0.79 -13.15
N GLU B 18 -37.94 -1.43 -14.31
CA GLU B 18 -37.68 -2.86 -14.37
C GLU B 18 -36.26 -3.16 -13.91
N PRO B 19 -36.07 -4.01 -12.90
CA PRO B 19 -34.71 -4.31 -12.43
C PRO B 19 -33.96 -5.17 -13.43
N SER B 20 -32.85 -4.64 -13.94
CA SER B 20 -31.99 -5.39 -14.83
C SER B 20 -31.25 -6.48 -14.04
N PRO B 21 -30.79 -7.53 -14.73
CA PRO B 21 -30.02 -8.57 -14.03
C PRO B 21 -28.69 -8.08 -13.47
N LEU B 22 -28.24 -6.89 -13.88
CA LEU B 22 -27.03 -6.28 -13.32
C LEU B 22 -27.30 -5.47 -12.06
N ASP B 23 -28.56 -5.41 -11.61
CA ASP B 23 -28.94 -4.56 -10.49
C ASP B 23 -28.94 -5.32 -9.16
N LEU B 24 -29.54 -6.50 -9.13
CA LEU B 24 -29.61 -7.27 -7.88
C LEU B 24 -28.23 -7.65 -7.36
N VAL B 25 -27.22 -7.72 -8.25
CA VAL B 25 -25.86 -8.07 -7.87
C VAL B 25 -25.30 -7.06 -6.87
N ILE B 26 -25.77 -5.82 -6.92
CA ILE B 26 -25.29 -4.79 -6.01
C ILE B 26 -26.07 -4.79 -4.70
N THR B 27 -27.38 -5.03 -4.76
CA THR B 27 -28.23 -4.91 -3.59
C THR B 27 -28.26 -6.14 -2.71
N GLU B 28 -28.12 -7.35 -3.29
CA GLU B 28 -28.24 -8.56 -2.49
C GLU B 28 -27.09 -8.74 -1.50
N PRO B 29 -25.81 -8.71 -1.93
CA PRO B 29 -24.74 -8.87 -0.94
C PRO B 29 -24.72 -7.78 0.12
N LEU B 30 -25.12 -6.55 -0.23
CA LEU B 30 -25.19 -5.50 0.76
C LEU B 30 -26.22 -5.83 1.83
N LYS B 31 -27.39 -6.33 1.43
CA LYS B 31 -28.41 -6.72 2.41
C LYS B 31 -27.93 -7.88 3.26
N ASN B 32 -27.25 -8.86 2.65
CA ASN B 32 -26.71 -9.98 3.42
C ASN B 32 -25.68 -9.51 4.44
N HIS B 33 -24.82 -8.58 4.04
CA HIS B 33 -23.80 -8.05 4.95
C HIS B 33 -24.45 -7.25 6.08
N ILE B 34 -25.51 -6.49 5.77
CA ILE B 34 -26.21 -5.75 6.81
C ILE B 34 -26.85 -6.70 7.81
N GLU B 35 -27.48 -7.78 7.33
CA GLU B 35 -28.15 -8.68 8.25
C GLU B 35 -27.16 -9.54 9.03
N VAL B 36 -25.98 -9.79 8.47
CA VAL B 36 -24.97 -10.57 9.19
C VAL B 36 -24.17 -9.69 10.13
N ASN B 37 -23.54 -8.64 9.60
CA ASN B 37 -22.77 -7.70 10.41
C ASN B 37 -23.72 -6.69 11.04
N GLY B 38 -23.15 -5.62 11.61
CA GLY B 38 -23.96 -4.59 12.21
C GLY B 38 -24.52 -3.61 11.19
N VAL B 39 -25.35 -2.71 11.69
CA VAL B 39 -25.92 -1.67 10.82
C VAL B 39 -24.84 -0.69 10.39
N LYS B 40 -23.94 -0.34 11.31
CA LYS B 40 -22.86 0.62 11.04
C LYS B 40 -21.56 -0.15 10.86
N SER B 41 -21.27 -0.54 9.61
CA SER B 41 -20.05 -1.28 9.32
C SER B 41 -19.66 -1.04 7.87
N GLY B 42 -18.37 -1.26 7.58
CA GLY B 42 -17.84 -1.06 6.25
C GLY B 42 -18.00 -2.28 5.37
N ALA B 43 -17.54 -2.13 4.12
CA ALA B 43 -17.61 -3.19 3.13
C ALA B 43 -16.67 -2.84 1.98
N LEU B 44 -16.59 -3.74 1.00
CA LEU B 44 -15.79 -3.49 -0.20
C LEU B 44 -16.29 -4.43 -1.28
N LEU B 45 -16.80 -3.88 -2.39
CA LEU B 45 -17.39 -4.63 -3.49
C LEU B 45 -16.60 -4.40 -4.78
N PRO B 46 -15.65 -5.26 -5.12
CA PRO B 46 -15.00 -5.18 -6.43
C PRO B 46 -15.91 -5.78 -7.49
N LEU B 47 -16.52 -4.92 -8.31
CA LEU B 47 -17.46 -5.38 -9.31
C LEU B 47 -16.76 -5.52 -10.65
N PRO B 48 -16.61 -6.73 -11.17
CA PRO B 48 -15.92 -6.93 -12.46
C PRO B 48 -16.86 -6.80 -13.67
N PHE B 49 -17.27 -5.57 -13.95
CA PHE B 49 -18.16 -5.30 -15.07
C PHE B 49 -17.35 -5.31 -16.38
N GLN B 50 -18.00 -4.93 -17.48
CA GLN B 50 -17.37 -4.95 -18.79
C GLN B 50 -17.77 -3.71 -19.56
N THR B 51 -16.90 -3.27 -20.47
CA THR B 51 -17.18 -2.10 -21.28
C THR B 51 -18.26 -2.41 -22.31
N GLY B 52 -19.13 -1.43 -22.55
CA GLY B 52 -20.18 -1.56 -23.54
C GLY B 52 -21.46 -2.18 -23.03
N ILE B 53 -21.52 -2.63 -21.78
CA ILE B 53 -22.73 -3.22 -21.21
C ILE B 53 -23.38 -2.33 -20.17
N GLY B 54 -22.73 -1.24 -19.75
CA GLY B 54 -23.32 -0.33 -18.80
C GLY B 54 -22.76 -0.45 -17.40
N LYS B 55 -21.88 0.47 -17.02
CA LYS B 55 -21.32 0.53 -15.68
C LYS B 55 -21.65 1.83 -14.96
N THR B 56 -21.68 2.95 -15.68
CA THR B 56 -22.01 4.23 -15.06
C THR B 56 -23.51 4.35 -14.80
N TYR B 57 -24.34 3.81 -15.70
CA TYR B 57 -25.78 3.93 -15.55
C TYR B 57 -26.28 3.25 -14.27
N THR B 58 -25.76 2.05 -13.98
CA THR B 58 -26.16 1.34 -12.77
C THR B 58 -25.75 2.10 -11.52
N ALA B 59 -24.53 2.66 -11.51
CA ALA B 59 -24.07 3.44 -10.37
C ALA B 59 -24.93 4.68 -10.16
N LEU B 60 -25.30 5.36 -11.25
CA LEU B 60 -26.15 6.55 -11.13
C LEU B 60 -27.54 6.17 -10.64
N ASN B 61 -28.06 5.02 -11.09
CA ASN B 61 -29.34 4.55 -10.56
C ASN B 61 -29.26 4.28 -9.07
N PHE B 62 -28.16 3.66 -8.63
CA PHE B 62 -27.95 3.40 -7.21
C PHE B 62 -27.90 4.71 -6.42
N LEU B 63 -27.19 5.70 -6.95
CA LEU B 63 -27.11 7.01 -6.30
C LEU B 63 -28.48 7.66 -6.19
N LEU B 64 -29.27 7.61 -7.27
CA LEU B 64 -30.60 8.19 -7.25
C LEU B 64 -31.51 7.51 -6.24
N GLN B 65 -31.44 6.17 -6.17
CA GLN B 65 -32.23 5.44 -5.20
C GLN B 65 -31.84 5.81 -3.77
N GLN B 66 -30.54 5.96 -3.51
CA GLN B 66 -30.10 6.36 -2.18
C GLN B 66 -30.62 7.75 -1.82
N MET B 67 -30.56 8.69 -2.77
CA MET B 67 -31.07 10.03 -2.51
C MET B 67 -32.57 10.01 -2.24
N LEU B 68 -33.32 9.23 -3.01
CA LEU B 68 -34.76 9.13 -2.80
C LEU B 68 -35.07 8.53 -1.43
N GLU B 69 -34.31 7.51 -1.01
CA GLU B 69 -34.51 6.93 0.30
C GLU B 69 -34.22 7.94 1.41
N GLN B 70 -33.16 8.73 1.25
CA GLN B 70 -32.86 9.77 2.24
C GLN B 70 -34.01 10.79 2.33
N VAL B 71 -34.53 11.20 1.17
CA VAL B 71 -35.63 12.17 1.18
C VAL B 71 -36.85 11.58 1.85
N ARG B 72 -37.16 10.31 1.57
CA ARG B 72 -38.28 9.65 2.23
C ARG B 72 -38.09 9.60 3.74
N SER B 73 -36.88 9.25 4.19
CA SER B 73 -36.63 9.11 5.61
C SER B 73 -36.71 10.46 6.34
N GLU B 74 -36.28 11.54 5.69
CA GLU B 74 -36.22 12.83 6.37
C GLU B 74 -37.60 13.34 6.78
N LEU B 75 -38.65 12.98 6.03
CA LEU B 75 -39.98 13.50 6.32
C LEU B 75 -40.58 12.90 7.58
N LYS B 76 -40.23 11.66 7.92
CA LYS B 76 -40.92 10.96 8.99
C LYS B 76 -40.58 11.54 10.36
N GLU B 77 -39.29 11.78 10.62
CA GLU B 77 -38.89 12.16 11.97
C GLU B 77 -39.27 13.60 12.30
N GLU B 78 -39.12 14.53 11.34
CA GLU B 78 -39.45 15.93 11.53
C GLU B 78 -38.89 16.50 12.82
N ASN B 79 -39.74 16.64 13.85
CA ASN B 79 -39.34 17.32 15.08
C ASN B 79 -38.63 16.40 16.05
N THR B 80 -39.13 15.16 16.22
CA THR B 80 -38.60 14.26 17.22
C THR B 80 -37.25 13.66 16.81
N GLY B 81 -36.25 14.53 16.70
CA GLY B 81 -34.91 14.10 16.31
C GLY B 81 -34.32 14.96 15.21
N LYS B 82 -33.08 15.38 15.39
CA LYS B 82 -32.38 16.18 14.39
C LYS B 82 -30.95 15.66 14.26
N LYS B 83 -30.53 15.40 13.03
CA LYS B 83 -29.17 14.97 12.76
C LYS B 83 -28.78 15.44 11.37
N SER B 84 -27.60 15.04 10.92
CA SER B 84 -27.10 15.44 9.61
C SER B 84 -27.59 14.46 8.54
N LYS B 85 -27.21 14.73 7.29
CA LYS B 85 -27.58 13.89 6.17
C LYS B 85 -26.42 12.98 5.78
N ARG B 86 -26.76 11.90 5.08
CA ARG B 86 -25.74 11.00 4.56
C ARG B 86 -25.01 11.64 3.39
N LEU B 87 -23.72 11.35 3.27
CA LEU B 87 -22.88 11.89 2.23
C LEU B 87 -22.61 10.83 1.17
N LEU B 88 -22.63 11.24 -0.10
CA LEU B 88 -22.40 10.34 -1.21
C LEU B 88 -21.41 10.99 -2.17
N TYR B 89 -20.52 10.18 -2.75
CA TYR B 89 -19.40 10.68 -3.54
C TYR B 89 -19.32 9.95 -4.87
N TYR B 90 -18.54 10.52 -5.78
CA TYR B 90 -18.20 9.90 -7.06
C TYR B 90 -16.81 10.38 -7.42
N VAL B 91 -15.81 9.51 -7.30
CA VAL B 91 -14.41 9.88 -7.41
C VAL B 91 -13.77 9.11 -8.55
N THR B 92 -12.97 9.80 -9.35
CA THR B 92 -12.19 9.20 -10.42
C THR B 92 -10.89 9.99 -10.56
N ASP B 93 -10.18 9.79 -11.68
CA ASP B 93 -8.90 10.44 -11.89
C ASP B 93 -8.89 11.48 -13.00
N SER B 94 -9.97 11.60 -13.77
CA SER B 94 -10.02 12.50 -14.91
C SER B 94 -11.16 13.49 -14.76
N VAL B 95 -10.91 14.75 -15.12
CA VAL B 95 -11.92 15.79 -15.00
C VAL B 95 -13.03 15.58 -16.02
N ASP B 96 -12.67 15.16 -17.23
CA ASP B 96 -13.68 14.94 -18.27
C ASP B 96 -14.68 13.87 -17.85
N ASN B 97 -14.20 12.80 -17.24
CA ASN B 97 -15.10 11.76 -16.75
C ASN B 97 -16.03 12.32 -15.67
N VAL B 98 -15.50 13.20 -14.80
CA VAL B 98 -16.33 13.78 -13.74
C VAL B 98 -17.47 14.61 -14.35
N VAL B 99 -17.13 15.49 -15.29
CA VAL B 99 -18.15 16.36 -15.86
C VAL B 99 -19.15 15.55 -16.69
N SER B 100 -18.67 14.53 -17.41
CA SER B 100 -19.58 13.68 -18.17
C SER B 100 -20.53 12.92 -17.26
N ALA B 101 -20.02 12.40 -16.13
CA ALA B 101 -20.89 11.70 -15.19
C ALA B 101 -21.93 12.63 -14.58
N LYS B 102 -21.53 13.85 -14.23
CA LYS B 102 -22.50 14.80 -13.68
C LYS B 102 -23.57 15.15 -14.71
N ALA B 103 -23.16 15.39 -15.96
CA ALA B 103 -24.13 15.71 -17.01
C ALA B 103 -25.09 14.55 -17.24
N ASP B 104 -24.57 13.32 -17.25
CA ASP B 104 -25.43 12.16 -17.45
C ASP B 104 -26.41 11.98 -16.30
N LEU B 105 -25.95 12.21 -15.07
CA LEU B 105 -26.85 12.11 -13.91
C LEU B 105 -27.94 13.18 -14.00
N LEU B 106 -27.58 14.40 -14.38
CA LEU B 106 -28.59 15.44 -14.52
C LEU B 106 -29.60 15.07 -15.60
N LYS B 107 -29.12 14.57 -16.74
CA LYS B 107 -30.03 14.17 -17.82
C LYS B 107 -30.95 13.04 -17.38
N LEU B 108 -30.42 12.08 -16.63
CA LEU B 108 -31.25 11.01 -16.09
C LEU B 108 -32.31 11.58 -15.15
N ILE B 109 -31.95 12.61 -14.38
CA ILE B 109 -32.93 13.26 -13.51
C ILE B 109 -34.03 13.91 -14.34
N GLU B 110 -33.67 14.57 -15.44
CA GLU B 110 -34.69 15.21 -16.27
C GLU B 110 -35.66 14.18 -16.86
N LYS B 111 -35.13 13.14 -17.50
CA LYS B 111 -35.94 12.20 -18.26
C LYS B 111 -35.90 10.83 -17.58
N GLN B 112 -37.07 10.33 -17.19
CA GLN B 112 -37.21 8.97 -16.66
C GLN B 112 -38.69 8.62 -16.69
N THR B 113 -39.03 7.51 -17.33
CA THR B 113 -40.41 7.11 -17.54
C THR B 113 -40.67 5.75 -16.92
N VAL B 114 -41.80 5.62 -16.25
CA VAL B 114 -42.28 4.36 -15.72
C VAL B 114 -43.67 4.10 -16.31
N LYS B 115 -43.82 2.97 -17.01
CA LYS B 115 -45.06 2.64 -17.70
C LYS B 115 -45.46 3.75 -18.67
N GLY B 116 -44.48 4.33 -19.35
CA GLY B 116 -44.73 5.38 -20.31
C GLY B 116 -45.29 6.67 -19.74
N GLU B 117 -44.74 7.14 -18.62
CA GLU B 117 -45.22 8.35 -17.98
C GLU B 117 -44.09 8.96 -17.16
N PRO B 118 -43.90 10.28 -17.21
CA PRO B 118 -42.77 10.90 -16.49
C PRO B 118 -42.84 10.67 -14.99
N ARG B 119 -41.68 10.36 -14.40
CA ARG B 119 -41.64 9.97 -13.00
C ARG B 119 -41.78 11.15 -12.06
N PHE B 120 -41.15 12.29 -12.37
CA PHE B 120 -41.15 13.45 -11.49
C PHE B 120 -41.72 14.65 -12.23
N THR B 121 -42.28 15.59 -11.45
CA THR B 121 -42.78 16.84 -11.99
C THR B 121 -41.66 17.87 -12.05
N LEU B 122 -41.98 19.07 -12.52
CA LEU B 122 -40.97 20.11 -12.71
C LEU B 122 -40.39 20.56 -11.38
N GLU B 123 -41.26 20.82 -10.39
CA GLU B 123 -40.78 21.27 -9.09
C GLU B 123 -39.96 20.18 -8.40
N GLN B 124 -40.38 18.93 -8.52
CA GLN B 124 -39.61 17.83 -7.95
C GLN B 124 -38.24 17.72 -8.60
N GLN B 125 -38.20 17.89 -9.93
CA GLN B 125 -36.92 17.87 -10.65
C GLN B 125 -36.02 18.99 -10.18
N GLU B 126 -36.57 20.20 -9.99
CA GLU B 126 -35.78 21.31 -9.50
C GLU B 126 -35.22 21.03 -8.11
N TYR B 127 -36.05 20.48 -7.23
CA TYR B 127 -35.59 20.18 -5.87
C TYR B 127 -34.49 19.14 -5.89
N LEU B 128 -34.64 18.09 -6.71
CA LEU B 128 -33.60 17.07 -6.80
C LEU B 128 -32.31 17.65 -7.37
N LYS B 129 -32.41 18.49 -8.41
CA LYS B 129 -31.22 19.07 -9.01
C LYS B 129 -30.54 20.08 -8.09
N ALA B 130 -31.27 20.66 -7.14
CA ALA B 130 -30.68 21.61 -6.20
C ALA B 130 -29.91 20.92 -5.08
N GLN B 131 -29.59 19.63 -5.23
CA GLN B 131 -28.91 18.88 -4.19
C GLN B 131 -27.55 18.33 -4.61
N ILE B 132 -27.11 18.59 -5.85
CA ILE B 132 -25.85 18.09 -6.36
C ILE B 132 -24.93 19.28 -6.59
N VAL B 133 -23.68 19.16 -6.13
CA VAL B 133 -22.68 20.20 -6.31
C VAL B 133 -21.47 19.60 -7.03
N HIS B 134 -20.69 20.48 -7.65
CA HIS B 134 -19.48 20.10 -8.37
C HIS B 134 -18.37 21.05 -7.97
N LEU B 135 -17.22 20.48 -7.58
CA LEU B 135 -16.13 21.26 -6.97
C LEU B 135 -14.86 21.13 -7.79
N PRO B 136 -14.60 22.07 -8.69
CA PRO B 136 -13.33 22.05 -9.43
C PRO B 136 -12.20 22.70 -8.64
N ASN B 137 -11.03 22.86 -9.26
CA ASN B 137 -9.93 23.51 -8.57
C ASN B 137 -10.21 25.01 -8.43
N GLN B 138 -9.39 25.66 -7.59
CA GLN B 138 -9.64 27.04 -7.21
C GLN B 138 -9.51 27.99 -8.40
N SER B 139 -8.45 27.81 -9.20
CA SER B 139 -8.17 28.72 -10.31
C SER B 139 -9.29 28.71 -11.33
N GLU B 140 -9.78 27.52 -11.70
CA GLU B 140 -10.93 27.45 -12.60
C GLU B 140 -12.21 27.92 -11.92
N GLN B 141 -12.29 27.76 -10.60
CA GLN B 141 -13.47 28.23 -9.87
C GLN B 141 -13.66 29.73 -10.03
N LEU B 142 -12.56 30.50 -9.96
CA LEU B 142 -12.71 31.94 -10.09
C LEU B 142 -13.17 32.38 -11.48
N LEU B 143 -12.97 31.55 -12.51
CA LEU B 143 -13.28 31.95 -13.88
C LEU B 143 -14.67 31.52 -14.34
N GLN B 144 -15.60 31.28 -13.41
CA GLN B 144 -16.97 31.01 -13.75
C GLN B 144 -17.96 32.02 -13.17
N CYS B 145 -17.51 32.91 -12.29
CA CYS B 145 -18.38 33.89 -11.67
C CYS B 145 -18.58 35.07 -12.62
N SER B 146 -19.22 36.13 -12.13
CA SER B 146 -19.47 37.33 -12.92
C SER B 146 -19.07 38.55 -12.09
N ASP B 147 -19.02 39.70 -12.76
CA ASP B 147 -18.66 40.93 -12.07
C ASP B 147 -19.69 41.28 -11.00
N ALA B 148 -20.97 41.12 -11.29
CA ALA B 148 -22.01 41.47 -10.34
C ALA B 148 -21.96 40.59 -9.10
N VAL B 149 -21.72 39.29 -9.27
CA VAL B 149 -21.69 38.37 -8.13
C VAL B 149 -20.59 38.74 -7.16
N LEU B 150 -19.37 38.91 -7.69
CA LEU B 150 -18.23 39.23 -6.84
C LEU B 150 -18.33 40.63 -6.26
N ASN B 151 -18.92 41.57 -7.02
CA ASN B 151 -19.17 42.90 -6.48
C ASN B 151 -20.16 42.86 -5.32
N ASP B 152 -21.21 42.04 -5.45
CA ASP B 152 -22.17 41.87 -4.36
C ASP B 152 -21.48 41.30 -3.12
N VAL B 153 -20.61 40.31 -3.31
CA VAL B 153 -19.89 39.75 -2.16
C VAL B 153 -18.99 40.82 -1.52
N LEU B 154 -18.29 41.61 -2.34
CA LEU B 154 -17.41 42.63 -1.78
C LEU B 154 -18.17 43.71 -1.03
N ILE B 155 -19.30 44.17 -1.59
CA ILE B 155 -20.06 45.23 -0.94
C ILE B 155 -20.71 44.73 0.34
N GLY B 156 -21.25 43.50 0.31
CA GLY B 156 -21.88 42.96 1.51
C GLY B 156 -20.94 42.85 2.68
N PHE B 157 -19.67 42.54 2.41
CA PHE B 157 -18.65 42.40 3.45
C PHE B 157 -17.88 43.68 3.68
N ASN B 158 -18.21 44.76 2.96
CA ASN B 158 -17.51 46.05 3.07
C ASN B 158 -16.01 45.89 2.78
N LEU B 159 -15.72 45.33 1.61
CA LEU B 159 -14.35 45.13 1.16
C LEU B 159 -13.97 46.02 -0.02
N ASN B 160 -14.90 46.82 -0.54
CA ASN B 160 -14.58 47.75 -1.62
C ASN B 160 -14.08 49.09 -1.08
N ALA B 161 -13.11 49.01 -0.16
CA ALA B 161 -12.47 50.19 0.41
C ALA B 161 -10.97 50.25 0.14
N GLU B 162 -10.33 49.11 -0.11
CA GLU B 162 -8.91 49.07 -0.45
C GLU B 162 -8.77 49.07 -1.96
N ARG B 163 -7.85 49.91 -2.46
CA ARG B 163 -7.62 49.98 -3.89
C ARG B 163 -6.97 48.72 -4.44
N ASP B 164 -6.25 47.97 -3.61
CA ASP B 164 -5.48 46.83 -4.09
C ASP B 164 -6.40 45.73 -4.62
N VAL B 165 -7.41 45.33 -3.84
CA VAL B 165 -8.27 44.23 -4.23
C VAL B 165 -9.07 44.59 -5.49
N GLN B 166 -9.61 45.80 -5.53
CA GLN B 166 -10.37 46.23 -6.70
C GLN B 166 -9.48 46.33 -7.92
N ALA B 167 -8.25 46.81 -7.76
CA ALA B 167 -7.32 46.89 -8.88
C ALA B 167 -6.97 45.50 -9.41
N GLU B 168 -6.74 44.55 -8.51
CA GLU B 168 -6.46 43.19 -8.94
C GLU B 168 -7.64 42.59 -9.68
N TRP B 169 -8.85 42.79 -9.16
CA TRP B 169 -10.04 42.27 -9.84
C TRP B 169 -10.21 42.89 -11.22
N SER B 170 -10.01 44.21 -11.33
CA SER B 170 -10.14 44.87 -12.62
C SER B 170 -9.10 44.37 -13.61
N ALA B 171 -7.85 44.20 -13.16
CA ALA B 171 -6.80 43.70 -14.04
C ALA B 171 -7.11 42.28 -14.51
N ILE B 172 -7.58 41.43 -13.60
CA ILE B 172 -7.91 40.05 -13.98
C ILE B 172 -9.07 40.04 -14.97
N SER B 173 -10.09 40.88 -14.73
CA SER B 173 -11.22 40.93 -15.65
C SER B 173 -10.81 41.40 -17.03
N GLY B 174 -9.96 42.43 -17.10
CA GLY B 174 -9.51 42.91 -18.40
C GLY B 174 -8.66 41.88 -19.12
N LEU B 175 -7.75 41.22 -18.39
CA LEU B 175 -6.88 40.23 -19.02
C LEU B 175 -7.70 39.02 -19.49
N ARG B 176 -8.74 38.66 -18.74
CA ARG B 176 -9.67 37.63 -19.21
C ARG B 176 -10.40 38.09 -20.47
N ARG B 177 -10.80 39.36 -20.50
CA ARG B 177 -11.51 39.89 -21.66
C ARG B 177 -10.66 39.78 -22.93
N HIS B 178 -9.42 40.25 -22.88
CA HIS B 178 -8.52 40.14 -24.02
C HIS B 178 -7.50 39.03 -23.74
N ALA B 179 -7.91 37.80 -24.05
CA ALA B 179 -7.05 36.62 -23.87
C ALA B 179 -7.44 35.60 -24.93
N SER B 180 -6.62 35.49 -25.98
CA SER B 180 -6.88 34.52 -27.03
C SER B 180 -5.62 33.70 -27.33
N ASN B 181 -4.45 34.30 -27.16
CA ASN B 181 -3.21 33.60 -27.43
C ASN B 181 -2.87 32.61 -26.31
N PRO B 182 -2.15 31.54 -26.61
CA PRO B 182 -1.94 30.47 -25.63
C PRO B 182 -0.81 30.71 -24.64
N GLU B 183 -0.10 31.84 -24.69
CA GLU B 183 1.03 32.06 -23.78
C GLU B 183 0.71 33.04 -22.65
N VAL B 184 -0.50 33.57 -22.58
CA VAL B 184 -0.91 34.40 -21.46
C VAL B 184 -1.86 33.66 -20.51
N LYS B 185 -2.51 32.58 -20.96
CA LYS B 185 -3.44 31.85 -20.13
C LYS B 185 -2.79 31.33 -18.85
N ILE B 186 -1.51 30.99 -18.90
CA ILE B 186 -0.82 30.50 -17.70
C ILE B 186 -0.75 31.59 -16.63
N SER B 187 -0.41 32.80 -17.04
CA SER B 187 -0.35 33.92 -16.08
C SER B 187 -1.72 34.22 -15.52
N LEU B 188 -2.77 34.15 -16.36
CA LEU B 188 -4.12 34.33 -15.87
C LEU B 188 -4.49 33.28 -14.82
N ASN B 189 -4.14 32.01 -15.08
CA ASN B 189 -4.45 30.96 -14.12
C ASN B 189 -3.72 31.18 -12.80
N ARG B 190 -2.43 31.55 -12.87
CA ARG B 190 -1.68 31.79 -11.64
C ARG B 190 -2.26 32.97 -10.87
N GLN B 191 -2.61 34.05 -11.56
CA GLN B 191 -3.18 35.22 -10.89
C GLN B 191 -4.53 34.88 -10.26
N ALA B 192 -5.36 34.11 -10.96
CA ALA B 192 -6.65 33.70 -10.40
C ALA B 192 -6.46 32.86 -9.14
N GLY B 193 -5.51 31.93 -9.18
CA GLY B 193 -5.23 31.12 -7.99
C GLY B 193 -4.75 31.97 -6.82
N TYR B 194 -3.85 32.91 -7.08
CA TYR B 194 -3.33 33.73 -6.00
C TYR B 194 -4.38 34.71 -5.46
N PHE B 195 -5.34 35.11 -6.30
CA PHE B 195 -6.44 35.95 -5.81
C PHE B 195 -7.41 35.14 -4.97
N TYR B 196 -7.74 33.92 -5.41
CA TYR B 196 -8.60 33.04 -4.64
C TYR B 196 -7.98 32.65 -3.31
N ARG B 197 -6.65 32.56 -3.26
CA ARG B 197 -5.98 32.25 -2.00
C ARG B 197 -6.24 33.33 -0.95
N ASN B 198 -6.18 34.60 -1.35
CA ASN B 198 -6.33 35.69 -0.39
C ASN B 198 -7.79 36.00 -0.09
N LEU B 199 -8.67 35.88 -1.08
CA LEU B 199 -10.07 36.25 -0.86
C LEU B 199 -10.69 35.39 0.23
N ILE B 200 -10.70 34.07 0.03
CA ILE B 200 -11.30 33.16 1.00
C ILE B 200 -10.59 33.27 2.34
N ASP B 201 -9.30 33.55 2.34
CA ASP B 201 -8.58 33.79 3.59
C ASP B 201 -9.20 34.95 4.35
N ARG B 202 -9.46 36.06 3.66
CA ARG B 202 -10.08 37.21 4.33
C ARG B 202 -11.50 36.89 4.80
N LEU B 203 -12.28 36.19 3.97
CA LEU B 203 -13.64 35.83 4.39
C LEU B 203 -13.63 34.96 5.65
N GLN B 204 -12.72 33.98 5.72
CA GLN B 204 -12.63 33.19 6.95
C GLN B 204 -12.12 34.02 8.11
N LYS B 205 -11.20 34.95 7.86
CA LYS B 205 -10.64 35.77 8.93
C LYS B 205 -11.71 36.64 9.58
N LYS B 206 -12.59 37.22 8.77
CA LYS B 206 -13.59 38.14 9.31
C LYS B 206 -14.63 37.42 10.17
N GLN B 207 -15.13 36.28 9.71
CA GLN B 207 -16.29 35.65 10.34
C GLN B 207 -15.94 34.55 11.34
N LYS B 208 -14.67 34.32 11.65
CA LYS B 208 -14.33 33.30 12.63
C LYS B 208 -14.30 33.87 14.05
N GLY B 209 -15.38 34.57 14.41
CA GLY B 209 -15.48 35.19 15.71
C GLY B 209 -16.56 36.26 15.78
N ALA B 210 -16.19 37.44 16.29
CA ALA B 210 -17.14 38.53 16.41
C ALA B 210 -17.47 39.10 15.03
N ASP B 211 -18.33 40.12 15.03
CA ASP B 211 -18.82 40.81 13.84
C ASP B 211 -19.13 39.82 12.70
N ARG B 212 -19.99 38.86 13.01
CA ARG B 212 -20.40 37.85 12.05
C ARG B 212 -21.46 38.45 11.13
N VAL B 213 -21.14 38.58 9.85
CA VAL B 213 -22.09 39.13 8.88
C VAL B 213 -23.16 38.09 8.61
N LEU B 214 -24.42 38.49 8.78
CA LEU B 214 -25.54 37.59 8.55
C LEU B 214 -25.70 37.31 7.06
N LEU B 215 -26.09 36.08 6.75
CA LEU B 215 -26.27 35.63 5.37
C LEU B 215 -27.75 35.33 5.13
N SER B 216 -28.34 36.02 4.18
CA SER B 216 -29.75 35.82 3.83
C SER B 216 -30.02 36.52 2.51
N GLY B 217 -31.17 36.20 1.93
CA GLY B 217 -31.59 36.89 0.71
C GLY B 217 -30.68 36.56 -0.46
N SER B 218 -30.25 37.60 -1.18
CA SER B 218 -29.41 37.43 -2.35
C SER B 218 -27.92 37.31 -2.01
N LEU B 219 -27.48 37.88 -0.88
CA LEU B 219 -26.09 37.73 -0.47
C LEU B 219 -25.77 36.27 -0.19
N LEU B 220 -26.69 35.56 0.46
CA LEU B 220 -26.49 34.13 0.71
C LEU B 220 -26.37 33.36 -0.60
N ALA B 221 -27.22 33.67 -1.58
CA ALA B 221 -27.14 33.01 -2.88
C ALA B 221 -25.81 33.29 -3.56
N SER B 222 -25.34 34.55 -3.49
CA SER B 222 -24.06 34.90 -4.10
C SER B 222 -22.91 34.15 -3.43
N VAL B 223 -22.91 34.07 -2.10
CA VAL B 223 -21.86 33.37 -1.39
C VAL B 223 -21.90 31.88 -1.70
N GLU B 224 -23.10 31.31 -1.81
CA GLU B 224 -23.22 29.90 -2.18
C GLU B 224 -22.69 29.67 -3.60
N THR B 225 -22.98 30.59 -4.51
CA THR B 225 -22.47 30.46 -5.88
C THR B 225 -20.95 30.53 -5.91
N LEU B 226 -20.36 31.44 -5.14
CA LEU B 226 -18.90 31.55 -5.12
C LEU B 226 -18.27 30.39 -4.38
N LEU B 227 -18.94 29.86 -3.35
CA LEU B 227 -18.43 28.77 -2.53
C LEU B 227 -19.38 27.59 -2.59
N PRO B 228 -19.19 26.65 -3.53
CA PRO B 228 -20.06 25.47 -3.58
C PRO B 228 -19.98 24.61 -2.33
N GLY B 229 -18.84 24.60 -1.64
CA GLY B 229 -18.70 23.82 -0.43
C GLY B 229 -19.45 24.38 0.76
N GLU B 230 -19.94 25.62 0.67
CA GLU B 230 -20.77 26.17 1.74
C GLU B 230 -22.15 25.53 1.76
N LYS B 231 -22.69 25.16 0.59
CA LYS B 231 -24.02 24.57 0.53
C LYS B 231 -24.07 23.23 1.27
N ILE B 232 -22.96 22.51 1.33
CA ILE B 232 -22.96 21.20 1.99
C ILE B 232 -23.07 21.36 3.50
N ARG B 233 -22.37 22.36 4.07
CA ARG B 233 -22.29 22.48 5.52
C ARG B 233 -23.65 22.76 6.14
N ASN B 234 -24.39 23.72 5.59
CA ASN B 234 -25.68 24.09 6.18
C ASN B 234 -26.70 22.97 6.04
N GLY B 235 -26.66 22.21 4.96
CA GLY B 235 -27.57 21.10 4.78
C GLY B 235 -28.35 21.16 3.48
N SER B 236 -27.99 22.11 2.61
CA SER B 236 -28.70 22.26 1.35
C SER B 236 -28.45 21.09 0.40
N ALA B 237 -27.20 20.62 0.33
CA ALA B 237 -26.82 19.56 -0.59
C ALA B 237 -25.95 18.53 0.12
N HIS B 238 -26.03 17.28 -0.35
CA HIS B 238 -25.26 16.20 0.26
C HIS B 238 -24.69 15.25 -0.79
N VAL B 239 -24.43 15.74 -2.01
CA VAL B 239 -23.83 14.94 -3.07
C VAL B 239 -22.72 15.77 -3.71
N ALA B 240 -21.55 15.15 -3.93
CA ALA B 240 -20.41 15.85 -4.48
C ALA B 240 -19.77 15.03 -5.60
N PHE B 241 -19.20 15.74 -6.58
CA PHE B 241 -18.44 15.14 -7.66
C PHE B 241 -17.07 15.80 -7.68
N LEU B 242 -16.01 15.00 -7.60
CA LEU B 242 -14.65 15.53 -7.57
C LEU B 242 -13.68 14.43 -7.94
N THR B 243 -12.42 14.82 -8.14
CA THR B 243 -11.37 13.90 -8.55
C THR B 243 -10.60 13.39 -7.32
N THR B 244 -9.72 12.42 -7.58
CA THR B 244 -8.98 11.77 -6.49
C THR B 244 -7.98 12.74 -5.86
N SER B 245 -7.36 13.61 -6.66
CA SER B 245 -6.42 14.57 -6.11
C SER B 245 -7.12 15.55 -5.18
N LYS B 246 -8.34 15.96 -5.52
CA LYS B 246 -9.11 16.86 -4.66
C LYS B 246 -9.64 16.15 -3.43
N PHE B 247 -9.91 14.85 -3.53
CA PHE B 247 -10.47 14.11 -2.40
C PHE B 247 -9.49 14.04 -1.24
N LEU B 248 -8.19 13.93 -1.53
CA LEU B 248 -7.18 13.84 -0.49
C LEU B 248 -6.78 15.22 0.05
N LYS B 249 -7.37 16.29 -0.45
CA LYS B 249 -7.09 17.64 0.01
C LYS B 249 -8.27 18.31 0.69
N GLY B 250 -9.49 18.04 0.24
CA GLY B 250 -10.68 18.64 0.80
C GLY B 250 -11.11 19.88 0.04
N PHE B 251 -12.22 20.46 0.50
CA PHE B 251 -12.77 21.66 -0.12
C PHE B 251 -13.10 22.69 0.95
N HIS B 252 -13.04 23.95 0.55
CA HIS B 252 -13.20 25.07 1.47
C HIS B 252 -14.67 25.38 1.72
N ASN B 253 -14.95 25.93 2.90
CA ASN B 253 -16.24 26.53 3.19
C ASN B 253 -15.97 27.85 3.91
N THR B 254 -17.02 28.42 4.50
CA THR B 254 -16.89 29.73 5.12
C THR B 254 -16.07 29.68 6.41
N ARG B 255 -16.01 28.54 7.08
CA ARG B 255 -15.29 28.44 8.35
C ARG B 255 -13.85 27.96 8.17
N SER B 256 -13.67 26.78 7.58
CA SER B 256 -12.34 26.18 7.46
C SER B 256 -12.36 25.17 6.31
N ARG B 257 -11.37 24.31 6.25
CA ARG B 257 -11.29 23.27 5.23
C ARG B 257 -11.82 21.96 5.80
N TYR B 258 -12.73 21.32 5.06
CA TYR B 258 -13.35 20.08 5.47
C TYR B 258 -12.69 18.93 4.73
N SER B 259 -12.11 18.00 5.48
CA SER B 259 -11.42 16.87 4.88
C SER B 259 -12.32 15.64 4.90
N PRO B 260 -12.72 15.13 3.73
CA PRO B 260 -13.61 13.95 3.72
C PRO B 260 -13.01 12.71 4.36
N LEU B 261 -11.68 12.56 4.33
CA LEU B 261 -11.04 11.38 4.90
C LEU B 261 -11.25 11.28 6.39
N ARG B 262 -11.58 12.39 7.06
CA ARG B 262 -11.62 12.45 8.51
C ARG B 262 -13.01 12.24 9.09
N ASP B 263 -14.03 12.09 8.24
CA ASP B 263 -15.39 11.83 8.71
C ASP B 263 -16.06 10.99 7.63
N LEU B 264 -16.06 9.66 7.80
CA LEU B 264 -16.54 8.75 6.78
C LEU B 264 -17.61 7.80 7.28
N SER B 265 -18.19 8.06 8.45
CA SER B 265 -19.22 7.18 8.99
C SER B 265 -20.52 7.35 8.20
N GLY B 266 -21.11 6.22 7.80
CA GLY B 266 -22.35 6.26 7.04
C GLY B 266 -22.23 6.94 5.70
N ALA B 267 -21.13 6.71 4.99
CA ALA B 267 -20.87 7.32 3.70
C ALA B 267 -20.69 6.24 2.65
N VAL B 268 -21.02 6.60 1.40
CA VAL B 268 -20.91 5.70 0.26
C VAL B 268 -20.00 6.33 -0.77
N LEU B 269 -18.98 5.58 -1.20
CA LEU B 269 -18.04 6.03 -2.21
C LEU B 269 -18.16 5.17 -3.45
N ILE B 270 -18.07 5.80 -4.62
CA ILE B 270 -18.11 5.11 -5.90
C ILE B 270 -16.86 5.49 -6.66
N ILE B 271 -15.99 4.51 -6.92
CA ILE B 271 -14.74 4.72 -7.63
C ILE B 271 -14.72 3.81 -8.85
N ASP B 272 -14.51 4.40 -10.02
CA ASP B 272 -14.31 3.64 -11.25
C ASP B 272 -12.83 3.64 -11.62
N GLU B 273 -12.43 2.59 -12.35
CA GLU B 273 -11.02 2.32 -12.63
C GLU B 273 -10.23 2.29 -11.33
N ILE B 274 -10.68 1.43 -10.41
CA ILE B 274 -10.11 1.39 -9.06
C ILE B 274 -8.67 0.89 -9.09
N ASP B 275 -8.33 0.01 -10.01
CA ASP B 275 -6.98 -0.54 -10.05
C ASP B 275 -5.93 0.53 -10.38
N LYS B 276 -6.31 1.59 -11.09
CA LYS B 276 -5.37 2.63 -11.46
C LYS B 276 -5.11 3.63 -10.33
N GLN B 277 -5.98 3.66 -9.32
CA GLN B 277 -5.80 4.61 -8.22
C GLN B 277 -4.59 4.28 -7.37
N ASN B 278 -4.04 3.06 -7.49
CA ASN B 278 -2.85 2.69 -6.74
C ASN B 278 -1.70 3.63 -7.05
N GLN B 279 -1.45 3.88 -8.35
CA GLN B 279 -0.34 4.74 -8.74
C GLN B 279 -0.58 6.20 -8.33
N VAL B 280 -1.85 6.65 -8.39
CA VAL B 280 -2.16 8.02 -7.99
C VAL B 280 -1.90 8.21 -6.50
N ILE B 281 -2.36 7.26 -5.67
CA ILE B 281 -2.12 7.35 -4.24
C ILE B 281 -0.63 7.25 -3.94
N LEU B 282 0.09 6.40 -4.69
CA LEU B 282 1.53 6.29 -4.51
C LEU B 282 2.24 7.60 -4.82
N SER B 283 1.82 8.28 -5.90
CA SER B 283 2.41 9.58 -6.24
C SER B 283 2.13 10.61 -5.16
N GLU B 284 0.88 10.63 -4.65
CA GLU B 284 0.55 11.57 -3.58
C GLU B 284 1.37 11.29 -2.33
N LEU B 285 1.58 10.02 -2.00
CA LEU B 285 2.42 9.67 -0.86
C LEU B 285 3.87 10.08 -1.08
N CYS B 286 4.38 9.88 -2.29
CA CYS B 286 5.79 10.12 -2.58
C CYS B 286 6.11 11.59 -2.80
N LYS B 287 5.11 12.44 -3.02
CA LYS B 287 5.35 13.87 -3.20
C LYS B 287 5.66 14.59 -1.89
N GLN B 288 5.80 13.84 -0.79
CA GLN B 288 6.08 14.45 0.51
C GLN B 288 7.48 15.04 0.54
N GLN B 289 7.66 16.02 1.43
CA GLN B 289 8.94 16.70 1.59
C GLN B 289 9.86 15.92 2.54
N ALA B 290 11.14 16.26 2.49
CA ALA B 290 12.14 15.65 3.35
C ALA B 290 12.26 16.44 4.65
N GLN B 291 13.23 16.08 5.48
CA GLN B 291 13.44 16.77 6.75
C GLN B 291 14.86 16.48 7.24
N ASP B 292 15.59 17.53 7.61
CA ASP B 292 16.90 17.36 8.20
C ASP B 292 16.74 16.83 9.62
N LEU B 293 17.49 15.78 9.96
CA LEU B 293 17.29 15.10 11.23
C LEU B 293 17.99 15.77 12.40
N ILE B 294 18.92 16.69 12.17
CA ILE B 294 19.37 17.51 13.29
C ILE B 294 19.21 18.99 12.93
N TRP B 295 17.98 19.48 12.99
CA TRP B 295 17.65 20.86 13.31
C TRP B 295 16.46 20.80 14.26
N ALA B 296 15.57 19.84 13.96
CA ALA B 296 14.38 19.63 14.77
C ALA B 296 14.72 19.09 16.14
N ILE B 297 15.78 18.28 16.25
CA ILE B 297 16.21 17.81 17.57
C ILE B 297 16.59 18.98 18.46
N ARG B 298 17.39 19.91 17.91
CA ARG B 298 17.79 21.09 18.67
C ARG B 298 16.58 21.95 19.03
N THR B 299 15.68 22.18 18.06
CA THR B 299 14.52 23.03 18.34
C THR B 299 13.63 22.40 19.42
N LEU B 300 13.41 21.08 19.32
CA LEU B 300 12.56 20.40 20.29
C LEU B 300 13.21 20.31 21.66
N ARG B 301 14.54 20.20 21.72
CA ARG B 301 15.23 20.11 23.00
C ARG B 301 15.33 21.47 23.68
N ALA B 302 15.43 22.56 22.90
CA ALA B 302 15.61 23.88 23.48
C ALA B 302 14.28 24.58 23.76
N ASN B 303 13.33 24.52 22.83
CA ASN B 303 12.06 25.22 23.01
C ASN B 303 11.08 24.49 23.91
N PHE B 304 11.37 23.25 24.28
CA PHE B 304 10.50 22.46 25.15
C PHE B 304 11.13 22.24 26.52
N ARG B 305 12.29 22.86 26.78
CA ARG B 305 12.98 22.67 28.05
C ARG B 305 12.17 23.22 29.22
N ASP B 306 11.68 24.45 29.09
CA ASP B 306 10.89 25.08 30.14
C ASP B 306 9.74 25.84 29.50
N HIS B 307 8.70 26.09 30.30
CA HIS B 307 7.51 26.75 29.80
C HIS B 307 7.05 27.86 30.74
N GLN B 308 5.89 28.43 30.47
CA GLN B 308 5.30 29.42 31.36
C GLN B 308 4.43 28.72 32.39
N LEU B 309 3.68 29.49 33.17
CA LEU B 309 2.81 28.95 34.21
C LEU B 309 1.39 29.45 33.93
N GLU B 310 0.65 28.69 33.13
CA GLU B 310 -0.72 29.06 32.78
C GLU B 310 -1.47 27.82 32.32
N SER B 311 -2.46 27.40 33.10
CA SER B 311 -3.27 26.23 32.75
C SER B 311 -4.48 26.64 31.91
N SER B 312 -5.31 27.55 32.43
CA SER B 312 -6.47 28.14 31.75
C SER B 312 -7.58 27.12 31.54
N PRO B 313 -8.81 27.58 31.25
CA PRO B 313 -9.88 26.64 30.88
C PRO B 313 -9.67 26.08 29.48
N ARG B 314 -10.68 25.36 28.96
CA ARG B 314 -10.61 24.70 27.66
C ARG B 314 -9.58 23.58 27.69
N TYR B 315 -8.31 23.93 27.90
CA TYR B 315 -7.26 22.92 28.00
C TYR B 315 -7.45 22.09 29.26
N ASP B 316 -7.36 20.77 29.10
CA ASP B 316 -7.58 19.85 30.22
C ASP B 316 -6.94 18.52 29.87
N LYS B 317 -5.98 18.09 30.68
CA LYS B 317 -5.29 16.81 30.52
C LYS B 317 -4.61 16.72 29.14
N ILE B 318 -3.78 17.71 28.86
CA ILE B 318 -2.93 17.72 27.69
C ILE B 318 -1.46 17.54 28.05
N GLU B 319 -1.01 18.21 29.12
CA GLU B 319 0.36 18.07 29.60
C GLU B 319 0.66 16.67 30.12
N ASP B 320 -0.38 15.92 30.52
CA ASP B 320 -0.16 14.59 31.08
C ASP B 320 0.37 13.60 30.05
N LEU B 321 0.05 13.81 28.78
CA LEU B 321 0.50 12.93 27.71
C LEU B 321 1.74 13.48 27.00
N PHE B 322 2.50 14.35 27.65
CA PHE B 322 3.71 14.92 27.10
C PHE B 322 4.94 14.68 27.97
N GLU B 323 4.75 14.38 29.25
CA GLU B 323 5.88 14.11 30.14
C GLU B 323 6.71 12.91 29.71
N PRO B 324 6.15 11.76 29.33
CA PRO B 324 7.00 10.66 28.85
C PRO B 324 7.86 11.03 27.67
N LEU B 325 7.36 11.87 26.77
CA LEU B 325 8.16 12.31 25.63
C LEU B 325 9.39 13.08 26.09
N ARG B 326 9.23 13.98 27.05
CA ARG B 326 10.38 14.72 27.58
C ARG B 326 11.32 13.79 28.33
N GLU B 327 10.77 12.82 29.06
CA GLU B 327 11.63 11.84 29.75
C GLU B 327 12.52 11.12 28.75
N ARG B 328 11.92 10.61 27.67
CA ARG B 328 12.68 9.94 26.62
C ARG B 328 13.69 10.89 25.97
N LEU B 329 13.28 12.14 25.73
CA LEU B 329 14.17 13.09 25.08
C LEU B 329 15.40 13.39 25.93
N GLU B 330 15.21 13.61 27.23
CA GLU B 330 16.34 13.87 28.12
C GLU B 330 17.24 12.64 28.21
N GLU B 331 16.65 11.44 28.34
CA GLU B 331 17.46 10.24 28.40
C GLU B 331 18.28 10.06 27.12
N PHE B 332 17.66 10.31 25.97
CA PHE B 332 18.37 10.17 24.70
C PHE B 332 19.46 11.23 24.54
N GLY B 333 19.20 12.46 24.99
CA GLY B 333 20.17 13.53 24.84
C GLY B 333 21.33 13.48 25.80
N THR B 334 21.15 12.84 26.96
CA THR B 334 22.23 12.72 27.93
C THR B 334 23.10 11.48 27.71
N ASN B 335 23.03 10.86 26.54
CA ASN B 335 23.87 9.71 26.21
C ASN B 335 24.87 10.05 25.11
N TRP B 336 24.40 10.51 23.95
CA TRP B 336 25.30 10.90 22.87
C TRP B 336 25.85 12.31 23.04
N ASN B 337 25.36 13.07 24.01
CA ASN B 337 25.73 14.47 24.21
C ASN B 337 25.54 15.27 22.92
N LEU B 338 24.28 15.33 22.48
CA LEU B 338 23.94 15.94 21.20
C LEU B 338 24.16 17.44 21.17
N ALA B 339 24.41 18.08 22.31
CA ALA B 339 24.62 19.52 22.33
C ALA B 339 25.81 19.93 21.47
N PHE B 340 26.81 19.06 21.36
CA PHE B 340 27.95 19.35 20.50
C PHE B 340 27.55 19.23 19.04
N ALA B 341 28.32 19.90 18.18
CA ALA B 341 28.09 19.83 16.74
C ALA B 341 28.61 18.51 16.19
N PHE B 342 28.54 18.36 14.87
CA PHE B 342 28.93 17.11 14.21
C PHE B 342 30.01 17.38 13.17
N ASN B 343 30.98 16.48 13.11
CA ASN B 343 32.06 16.56 12.13
C ASN B 343 32.54 15.15 11.83
N THR B 344 33.36 15.03 10.79
CA THR B 344 33.88 13.75 10.34
C THR B 344 35.40 13.78 10.32
N GLU B 345 36.01 12.62 10.59
CA GLU B 345 37.46 12.46 10.60
C GLU B 345 37.83 11.52 9.45
N GLY B 346 38.36 12.08 8.38
CA GLY B 346 38.78 11.29 7.24
C GLY B 346 39.75 12.05 6.38
N ALA B 347 40.65 11.31 5.73
CA ALA B 347 41.67 11.88 4.86
C ALA B 347 41.10 11.95 3.45
N ASN B 348 40.36 13.02 3.17
CA ASN B 348 39.76 13.26 1.85
C ASN B 348 38.83 12.09 1.46
N LEU B 349 37.76 11.94 2.25
CA LEU B 349 36.80 10.86 2.05
C LEU B 349 35.38 11.39 1.97
N ASN B 350 35.20 12.61 1.45
CA ASN B 350 33.89 13.24 1.38
C ASN B 350 33.50 13.64 -0.05
N GLU B 351 34.07 12.97 -1.05
CA GLU B 351 33.69 13.27 -2.43
C GLU B 351 32.26 12.83 -2.73
N ARG B 352 31.83 11.71 -2.14
CA ARG B 352 30.54 11.13 -2.43
C ARG B 352 29.81 10.80 -1.14
N PRO B 353 28.45 10.83 -1.13
CA PRO B 353 27.72 10.62 0.10
C PRO B 353 27.47 9.15 0.48
N VAL B 354 27.45 8.86 1.77
CA VAL B 354 27.15 7.48 2.24
C VAL B 354 25.64 7.42 2.46
N ARG B 355 24.93 6.73 1.59
CA ARG B 355 23.47 6.56 1.79
C ARG B 355 23.24 5.53 2.88
N LEU B 356 22.08 5.55 3.53
CA LEU B 356 21.71 4.54 4.56
C LEU B 356 20.26 4.16 4.31
N PHE B 357 19.91 2.89 4.31
CA PHE B 357 18.58 2.39 4.00
C PHE B 357 18.18 1.36 5.05
N SER B 358 16.87 1.28 5.32
CA SER B 358 16.37 0.34 6.31
C SER B 358 14.91 0.03 6.02
N ASP B 359 14.48 -1.15 6.47
CA ASP B 359 13.10 -1.59 6.34
C ASP B 359 12.37 -1.59 7.69
N ARG B 360 13.09 -1.36 8.78
CA ARG B 360 12.64 -1.25 10.17
C ARG B 360 12.34 -2.61 10.78
N SER B 361 12.36 -3.70 10.03
CA SER B 361 12.10 -5.02 10.60
C SER B 361 13.29 -5.95 10.49
N PHE B 362 13.74 -6.28 9.28
CA PHE B 362 14.90 -7.17 9.17
C PHE B 362 15.82 -6.88 7.99
N THR B 363 15.61 -5.80 7.24
CA THR B 363 16.45 -5.49 6.08
C THR B 363 17.22 -4.21 6.36
N HIS B 364 18.55 -4.29 6.24
CA HIS B 364 19.43 -3.14 6.46
C HIS B 364 20.55 -3.20 5.43
N VAL B 365 20.66 -2.17 4.61
CA VAL B 365 21.66 -2.11 3.54
C VAL B 365 22.35 -0.75 3.60
N SER B 366 23.67 -0.76 3.53
CA SER B 366 24.47 0.46 3.49
C SER B 366 25.45 0.40 2.33
N SER B 367 25.86 1.58 1.85
CA SER B 367 26.75 1.70 0.71
C SER B 367 28.10 2.28 1.12
N ALA B 368 28.63 1.85 2.26
CA ALA B 368 29.92 2.28 2.75
C ALA B 368 30.88 1.10 2.76
N THR B 369 32.13 1.36 2.40
CA THR B 369 33.13 0.29 2.37
C THR B 369 33.37 -0.27 3.77
N HIS B 370 33.45 0.60 4.77
CA HIS B 370 33.63 0.18 6.16
C HIS B 370 32.57 0.83 7.03
N LYS B 371 32.24 0.16 8.12
CA LYS B 371 31.24 0.68 9.04
C LYS B 371 31.76 1.90 9.78
N LEU B 372 30.86 2.84 10.06
CA LEU B 372 31.19 4.09 10.74
C LEU B 372 30.57 4.09 12.13
N SER B 373 31.31 4.65 13.08
CA SER B 373 30.89 4.66 14.48
C SER B 373 30.89 6.10 15.01
N LEU B 374 30.12 6.31 16.07
CA LEU B 374 30.02 7.60 16.73
C LEU B 374 30.73 7.56 18.08
N LYS B 375 31.45 8.63 18.38
CA LYS B 375 32.20 8.74 19.63
C LYS B 375 32.06 10.15 20.18
N SER B 376 32.21 10.28 21.49
CA SER B 376 32.22 11.56 22.17
C SER B 376 33.63 11.82 22.69
N ASP B 377 34.22 12.94 22.28
CA ASP B 377 35.57 13.30 22.67
C ASP B 377 35.51 14.51 23.59
N PHE B 378 36.14 14.41 24.76
CA PHE B 378 36.14 15.48 25.75
C PHE B 378 37.29 16.45 25.56
N LEU B 379 38.15 16.23 24.57
CA LEU B 379 39.28 17.12 24.30
C LEU B 379 38.93 18.19 23.28
N ARG B 380 38.44 17.79 22.11
CA ARG B 380 38.06 18.74 21.07
C ARG B 380 36.62 19.22 21.19
N ARG B 381 35.86 18.66 22.13
CA ARG B 381 34.49 19.10 22.40
C ARG B 381 33.60 18.99 21.17
N LYS B 382 33.74 17.89 20.42
CA LYS B 382 32.96 17.67 19.23
C LYS B 382 32.67 16.18 19.08
N ASN B 383 31.58 15.87 18.37
CA ASN B 383 31.20 14.50 18.06
C ASN B 383 31.67 14.17 16.65
N LEU B 384 32.34 13.03 16.51
CA LEU B 384 32.96 12.64 15.25
C LEU B 384 32.47 11.28 14.79
N ILE B 385 32.35 11.13 13.47
CA ILE B 385 32.02 9.85 12.85
C ILE B 385 33.23 9.42 12.04
N PHE B 386 33.79 8.27 12.40
CA PHE B 386 35.05 7.83 11.81
C PHE B 386 35.08 6.32 11.72
N SER B 387 35.96 5.82 10.84
CA SER B 387 36.18 4.38 10.70
C SER B 387 37.15 3.83 11.73
N ASP B 388 37.78 4.69 12.53
CA ASP B 388 38.67 4.30 13.62
C ASP B 388 39.85 3.49 13.09
N GLU B 389 40.41 2.64 13.93
CA GLU B 389 41.62 1.89 13.58
C GLU B 389 41.31 0.87 12.50
N LYS B 390 42.13 0.85 11.45
CA LYS B 390 41.98 -0.13 10.38
C LYS B 390 42.74 -1.42 10.65
N VAL B 391 43.51 -1.48 11.73
CA VAL B 391 44.27 -2.69 12.04
C VAL B 391 43.33 -3.78 12.52
N GLU B 392 43.73 -5.03 12.30
CA GLU B 392 42.91 -6.16 12.68
C GLU B 392 42.87 -6.31 14.20
N GLY B 393 41.69 -6.66 14.71
CA GLY B 393 41.54 -6.86 16.15
C GLY B 393 41.81 -5.58 16.92
N SER B 394 42.64 -5.70 17.96
CA SER B 394 43.03 -4.58 18.81
C SER B 394 41.80 -3.90 19.42
N LEU B 395 41.03 -4.71 20.16
CA LEU B 395 39.84 -4.25 20.88
C LEU B 395 38.84 -3.61 19.91
N ILE B 396 38.31 -4.46 19.02
CA ILE B 396 37.35 -4.02 18.02
C ILE B 396 36.14 -3.38 18.69
N GLU B 397 35.62 -2.33 18.07
CA GLU B 397 34.53 -1.56 18.66
C GLU B 397 33.24 -2.35 18.65
N LYS B 398 32.46 -2.20 19.72
CA LYS B 398 31.17 -2.86 19.84
C LYS B 398 30.10 -1.96 20.45
N HIS B 399 30.38 -0.68 20.70
CA HIS B 399 29.44 0.16 21.43
C HIS B 399 28.19 0.46 20.60
N GLY B 400 28.35 0.80 19.33
CA GLY B 400 27.20 1.16 18.53
C GLY B 400 27.59 1.50 17.10
N LEU B 401 26.63 2.09 16.39
CA LEU B 401 26.78 2.41 14.99
C LEU B 401 25.97 3.66 14.66
N LEU B 402 26.24 4.24 13.49
CA LEU B 402 25.49 5.41 13.04
C LEU B 402 24.04 5.04 12.71
N THR B 403 23.82 3.85 12.17
CA THR B 403 22.47 3.40 11.85
C THR B 403 21.60 3.39 13.09
N ARG B 404 22.16 3.00 14.24
CA ARG B 404 21.41 3.02 15.49
C ARG B 404 20.97 4.43 15.83
N PHE B 405 21.87 5.41 15.69
CA PHE B 405 21.51 6.80 15.97
C PHE B 405 20.40 7.28 15.04
N VAL B 406 20.50 6.93 13.75
CA VAL B 406 19.47 7.33 12.80
C VAL B 406 18.12 6.73 13.19
N ASN B 407 18.11 5.43 13.54
CA ASN B 407 16.86 4.78 13.91
C ASN B 407 16.27 5.37 15.17
N GLU B 408 17.11 5.69 16.17
CA GLU B 408 16.62 6.31 17.39
C GLU B 408 16.00 7.68 17.11
N ALA B 409 16.67 8.49 16.29
CA ALA B 409 16.11 9.79 15.94
C ALA B 409 14.77 9.63 15.22
N ASP B 410 14.70 8.67 14.29
CA ASP B 410 13.46 8.44 13.56
C ASP B 410 12.32 8.01 14.48
N VAL B 411 12.60 7.10 15.42
CA VAL B 411 11.54 6.63 16.30
C VAL B 411 11.09 7.74 17.25
N ILE B 412 12.03 8.59 17.69
CA ILE B 412 11.66 9.73 18.52
C ILE B 412 10.73 10.66 17.75
N TYR B 413 11.09 10.96 16.50
CA TYR B 413 10.24 11.84 15.68
C TYR B 413 8.86 11.24 15.46
N GLN B 414 8.80 9.94 15.20
CA GLN B 414 7.50 9.29 14.98
C GLN B 414 6.65 9.31 16.25
N TRP B 415 7.26 9.08 17.41
CA TRP B 415 6.51 9.12 18.67
C TRP B 415 5.98 10.52 18.93
N PHE B 416 6.79 11.55 18.68
CA PHE B 416 6.33 12.92 18.84
C PHE B 416 5.15 13.20 17.91
N LEU B 417 5.27 12.79 16.64
CA LEU B 417 4.19 13.04 15.70
C LEU B 417 2.93 12.26 16.06
N GLY B 418 3.08 11.12 16.73
CA GLY B 418 1.94 10.30 17.07
C GLY B 418 1.19 10.70 18.33
N THR B 419 1.87 11.26 19.32
CA THR B 419 1.19 11.60 20.57
C THR B 419 0.17 12.74 20.39
N MET B 420 0.36 13.60 19.39
CA MET B 420 -0.54 14.74 19.20
C MET B 420 -1.95 14.30 18.85
N ARG B 421 -2.08 13.19 18.11
CA ARG B 421 -3.41 12.70 17.75
C ARG B 421 -4.21 12.32 18.99
N LYS B 422 -3.58 11.59 19.91
CA LYS B 422 -4.24 11.23 21.15
C LYS B 422 -4.54 12.46 21.99
N ALA B 423 -3.61 13.42 22.04
CA ALA B 423 -3.86 14.64 22.80
C ALA B 423 -5.09 15.37 22.28
N VAL B 424 -5.18 15.54 20.96
CA VAL B 424 -6.32 16.25 20.37
C VAL B 424 -7.60 15.44 20.53
N PHE B 425 -7.52 14.10 20.47
CA PHE B 425 -8.71 13.28 20.67
C PHE B 425 -9.24 13.46 22.09
N GLN B 426 -8.35 13.48 23.09
CA GLN B 426 -8.79 13.73 24.46
C GLN B 426 -9.34 15.14 24.62
N TYR B 427 -8.77 16.10 23.91
CA TYR B 427 -9.27 17.47 23.94
C TYR B 427 -10.69 17.55 23.37
N TRP B 428 -10.96 16.86 22.26
CA TRP B 428 -12.33 16.87 21.77
C TRP B 428 -13.24 16.04 22.65
N GLU B 429 -12.70 15.03 23.32
CA GLU B 429 -13.50 14.27 24.30
C GLU B 429 -13.98 15.15 25.43
N ASN B 430 -13.12 15.99 26.00
CA ASN B 430 -13.62 16.79 27.12
C ASN B 430 -14.51 17.91 26.61
N VAL B 431 -14.17 18.49 25.43
CA VAL B 431 -14.97 19.58 24.88
C VAL B 431 -16.40 19.13 24.58
N ARG B 432 -16.56 17.97 23.93
CA ARG B 432 -17.85 17.60 23.37
C ARG B 432 -18.91 17.49 24.45
N GLY B 433 -18.73 16.57 25.39
CA GLY B 433 -19.73 16.34 26.41
C GLY B 433 -19.31 16.77 27.80
N LEU B 434 -18.01 16.78 28.07
CA LEU B 434 -17.53 17.07 29.41
C LEU B 434 -17.34 18.55 29.66
N GLU B 435 -17.53 19.39 28.64
CA GLU B 435 -17.39 20.83 28.77
C GLU B 435 -18.67 21.57 28.43
N ILE B 436 -19.30 21.25 27.30
CA ILE B 436 -20.52 21.88 26.77
C ILE B 436 -20.58 23.36 27.07
N GLU B 437 -19.44 24.05 26.98
CA GLU B 437 -19.39 25.47 27.28
C GLU B 437 -20.16 26.29 26.25
N VAL B 438 -20.07 25.93 24.98
CA VAL B 438 -20.74 26.63 23.90
C VAL B 438 -21.67 25.66 23.17
N ARG B 439 -22.87 26.14 22.84
CA ARG B 439 -23.87 25.33 22.15
C ARG B 439 -23.59 25.40 20.65
N GLU B 440 -22.90 24.38 20.12
CA GLU B 440 -22.58 24.33 18.71
C GLU B 440 -22.83 22.98 18.06
N ASN B 441 -23.06 21.91 18.84
CA ASN B 441 -23.19 20.55 18.34
C ASN B 441 -21.90 20.19 17.63
N ARG B 442 -21.92 19.82 16.34
CA ARG B 442 -20.73 19.54 15.54
C ARG B 442 -19.95 18.33 16.04
N SER B 443 -19.00 17.86 15.26
CA SER B 443 -18.21 16.68 15.54
C SER B 443 -16.71 17.05 15.52
N LEU B 444 -15.86 16.02 15.54
CA LEU B 444 -14.42 16.23 15.52
C LEU B 444 -13.97 17.05 14.33
N GLU B 445 -14.69 16.95 13.20
CA GLU B 445 -14.29 17.69 12.01
C GLU B 445 -14.44 19.19 12.23
N GLY B 446 -15.45 19.61 12.97
CA GLY B 446 -15.68 21.02 13.21
C GLY B 446 -14.57 21.69 14.01
N THR B 447 -14.32 21.20 15.22
CA THR B 447 -13.31 21.79 16.10
C THR B 447 -11.99 21.02 16.00
N PHE B 448 -11.45 20.95 14.78
CA PHE B 448 -10.19 20.30 14.52
C PHE B 448 -9.04 21.28 14.30
N GLN B 449 -9.21 22.23 13.37
CA GLN B 449 -8.13 23.16 13.06
C GLN B 449 -7.81 24.06 14.25
N GLU B 450 -8.83 24.48 14.98
CA GLU B 450 -8.63 25.37 16.12
C GLU B 450 -7.75 24.71 17.18
N ALA B 451 -8.01 23.43 17.48
CA ALA B 451 -7.25 22.75 18.53
C ALA B 451 -5.78 22.64 18.16
N VAL B 452 -5.48 22.17 16.95
CA VAL B 452 -4.09 22.00 16.55
C VAL B 452 -3.39 23.35 16.43
N GLN B 453 -4.08 24.37 15.92
CA GLN B 453 -3.49 25.70 15.83
C GLN B 453 -3.15 26.24 17.21
N SER B 454 -4.08 26.09 18.16
CA SER B 454 -3.86 26.58 19.52
C SER B 454 -2.71 25.84 20.19
N LEU B 455 -2.65 24.51 20.05
CA LEU B 455 -1.58 23.75 20.66
C LEU B 455 -0.23 24.11 20.05
N LEU B 456 -0.18 24.31 18.73
CA LEU B 456 1.07 24.71 18.10
C LEU B 456 1.50 26.10 18.55
N THR B 457 0.14 26.52 19.11
CA THR B 457 0.39 27.87 19.62
C THR B 457 0.98 27.82 21.03
N HIS B 458 0.34 27.04 21.90
CA HIS B 458 0.77 27.01 23.32
C HIS B 458 2.28 26.69 23.39
N PHE B 459 2.69 25.62 22.71
CA PHE B 459 4.11 25.19 22.76
C PHE B 459 4.88 25.79 21.57
N ASN B 460 4.21 26.65 20.81
CA ASN B 460 4.87 27.71 19.98
C ASN B 460 5.47 27.06 18.74
N LEU B 461 5.33 25.74 18.60
CA LEU B 461 5.98 25.04 17.47
C LEU B 461 5.16 25.28 16.21
N GLN B 462 5.20 26.50 15.69
CA GLN B 462 4.44 26.82 14.44
C GLN B 462 5.15 26.18 13.24
N GLU B 463 6.48 26.30 13.18
CA GLU B 463 7.26 25.78 12.01
C GLU B 463 7.07 24.26 11.89
N PHE B 464 5.98 23.71 12.43
CA PHE B 464 5.71 22.29 12.34
C PHE B 464 4.25 22.00 12.01
N GLU B 465 3.48 23.05 11.75
CA GLU B 465 2.05 22.90 11.46
C GLU B 465 1.82 22.02 10.23
N SER B 466 2.92 22.29 8.97
CA SER B 466 2.76 21.44 7.80
C SER B 466 3.16 20.00 8.08
N ALA B 467 4.15 19.80 8.95
CA ALA B 467 4.62 18.45 9.22
C ALA B 467 3.55 17.61 9.91
N VAL B 468 2.80 18.21 10.84
CA VAL B 468 1.84 17.44 11.62
C VAL B 468 0.51 17.24 10.89
N TYR B 469 0.18 18.10 9.93
CA TYR B 469 -1.13 18.00 9.27
C TYR B 469 -1.23 16.75 8.40
N GLU B 470 -0.14 16.35 7.75
CA GLU B 470 -0.22 15.24 6.81
C GLU B 470 -0.63 13.95 7.50
N SER B 471 -0.13 13.71 8.70
CA SER B 471 -0.37 12.47 9.44
C SER B 471 -1.26 12.71 10.66
N PHE B 472 -2.30 13.53 10.50
CA PHE B 472 -3.21 13.87 11.59
C PHE B 472 -4.59 13.26 11.34
N ASP B 473 -5.14 12.63 12.37
CA ASP B 473 -6.55 12.23 12.35
C ASP B 473 -7.02 11.97 13.77
N THR B 474 -8.18 11.31 13.87
CA THR B 474 -8.66 10.82 15.16
C THR B 474 -7.78 9.69 15.71
N ARG B 475 -7.53 8.66 14.88
CA ARG B 475 -6.71 7.53 15.34
C ARG B 475 -6.19 6.78 14.10
N GLY B 476 -4.93 7.00 13.75
CA GLY B 476 -4.24 6.17 12.78
C GLY B 476 -4.41 6.67 11.35
N LEU B 477 -4.99 5.82 10.50
CA LEU B 477 -5.30 6.09 9.09
C LEU B 477 -4.03 6.29 8.26
N ARG B 478 -2.88 6.39 8.92
CA ARG B 478 -1.62 6.54 8.21
C ARG B 478 -0.46 5.81 8.87
N GLN B 479 -0.69 5.07 9.97
CA GLN B 479 0.42 4.47 10.72
C GLN B 479 -0.11 3.28 11.49
N SER B 480 0.23 2.07 11.04
CA SER B 480 -0.04 0.83 11.76
C SER B 480 -1.52 0.59 12.02
N ALA B 481 -1.83 -0.50 12.72
CA ALA B 481 -3.19 -0.86 13.09
C ALA B 481 -3.12 -1.92 14.18
N GLY B 482 -4.24 -2.11 14.88
CA GLY B 482 -4.32 -3.12 15.91
C GLY B 482 -3.47 -2.81 17.13
N GLY B 483 -2.39 -3.58 17.29
CA GLY B 483 -1.52 -3.41 18.44
C GLY B 483 -0.75 -2.11 18.45
N LYS B 484 -0.63 -1.45 17.29
CA LYS B 484 0.09 -0.18 17.17
C LYS B 484 1.53 -0.31 17.64
N ALA B 485 2.17 -1.44 17.32
CA ALA B 485 3.55 -1.66 17.71
C ALA B 485 4.14 -2.72 16.79
N ASN B 486 5.47 -2.68 16.65
CA ASN B 486 6.21 -3.63 15.84
C ASN B 486 6.80 -4.71 16.73
N LYS B 487 5.91 -5.55 17.27
CA LYS B 487 6.29 -6.61 18.19
C LYS B 487 5.73 -7.94 17.72
N LEU B 488 6.33 -9.03 18.22
CA LEU B 488 5.94 -10.37 17.80
C LEU B 488 4.56 -10.77 18.32
N SER B 489 4.02 -10.05 19.31
CA SER B 489 2.69 -10.35 19.83
C SER B 489 1.58 -9.66 19.07
N SER B 490 1.91 -8.91 18.00
CA SER B 490 0.91 -8.23 17.18
C SER B 490 1.17 -8.56 15.72
N SER B 491 0.12 -8.40 14.91
CA SER B 491 0.23 -8.70 13.49
C SER B 491 1.26 -7.80 12.82
N LYS B 492 2.13 -8.41 12.02
CA LYS B 492 3.23 -7.72 11.37
C LYS B 492 3.06 -7.77 9.86
N SER B 493 3.29 -6.65 9.20
CA SER B 493 3.23 -6.57 7.75
C SER B 493 3.96 -5.32 7.29
N TYR B 494 4.35 -5.33 6.01
CA TYR B 494 4.97 -4.14 5.43
C TYR B 494 3.95 -3.06 5.09
N HIS B 495 2.73 -3.46 4.75
CA HIS B 495 1.74 -2.52 4.22
C HIS B 495 1.28 -1.48 5.24
N HIS B 496 1.58 -1.67 6.53
CA HIS B 496 1.28 -0.66 7.54
C HIS B 496 2.49 -0.37 8.41
N THR B 497 3.70 -0.61 7.88
CA THR B 497 4.94 -0.28 8.58
C THR B 497 5.79 0.72 7.81
N GLY B 498 6.00 0.51 6.52
CA GLY B 498 6.73 1.45 5.70
C GLY B 498 8.22 1.24 5.71
N LEU B 499 8.91 2.18 5.05
CA LEU B 499 10.35 2.13 4.86
C LEU B 499 10.98 3.43 5.34
N LYS B 500 12.30 3.52 5.20
CA LYS B 500 13.04 4.70 5.63
C LYS B 500 14.25 4.88 4.73
N LEU B 501 14.64 6.13 4.50
CA LEU B 501 15.80 6.44 3.67
C LEU B 501 16.48 7.67 4.24
N VAL B 502 17.81 7.59 4.39
CA VAL B 502 18.62 8.66 4.96
C VAL B 502 19.90 8.79 4.13
N GLU B 503 20.26 10.02 3.79
CA GLU B 503 21.49 10.30 3.06
C GLU B 503 22.33 11.30 3.85
N VAL B 504 23.65 11.16 3.73
CA VAL B 504 24.60 12.04 4.41
C VAL B 504 25.48 12.65 3.31
N ALA B 505 25.11 13.84 2.86
CA ALA B 505 25.85 14.55 1.82
C ALA B 505 26.65 15.69 2.47
N HIS B 506 27.43 16.38 1.64
CA HIS B 506 28.22 17.50 2.14
C HIS B 506 27.33 18.70 2.43
N ASN B 507 27.61 19.38 3.53
CA ASN B 507 26.81 20.51 3.99
C ASN B 507 27.44 21.81 3.51
N GLN B 508 26.63 22.66 2.90
CA GLN B 508 27.10 23.96 2.42
C GLN B 508 26.80 25.03 3.47
N GLY B 509 27.04 26.30 3.11
CA GLY B 509 26.89 27.38 4.06
C GLY B 509 28.07 27.48 5.00
N THR B 510 28.23 26.46 5.85
CA THR B 510 29.38 26.34 6.74
C THR B 510 30.12 25.06 6.38
N ARG B 511 31.42 25.19 6.10
CA ARG B 511 32.18 24.05 5.60
C ARG B 511 32.42 23.00 6.68
N ASP B 512 32.55 23.42 7.94
CA ASP B 512 32.85 22.48 9.02
C ASP B 512 31.60 21.89 9.65
N THR B 513 30.67 21.41 8.80
CA THR B 513 29.43 20.81 9.26
C THR B 513 29.00 19.72 8.29
N VAL B 514 28.10 18.86 8.78
CA VAL B 514 27.51 17.79 7.99
C VAL B 514 25.99 17.83 8.20
N ASN B 515 25.27 17.23 7.25
CA ASN B 515 23.82 17.20 7.28
C ASN B 515 23.33 15.75 7.20
N CYS B 516 22.08 15.56 7.60
CA CYS B 516 21.46 14.23 7.64
C CYS B 516 20.01 14.37 7.19
N LYS B 517 19.78 14.20 5.88
CA LYS B 517 18.44 14.28 5.32
C LYS B 517 17.69 12.96 5.54
N ALA B 518 16.37 13.04 5.45
CA ALA B 518 15.55 11.85 5.67
C ALA B 518 14.25 11.96 4.87
N SER B 519 13.83 10.83 4.31
CA SER B 519 12.55 10.70 3.63
C SER B 519 11.82 9.51 4.21
N PHE B 520 10.50 9.64 4.36
CA PHE B 520 9.70 8.64 5.06
C PHE B 520 8.52 8.20 4.20
N LEU B 521 8.04 7.00 4.49
CA LEU B 521 6.83 6.46 3.88
C LEU B 521 6.12 5.63 4.96
N ASN B 522 5.12 6.22 5.60
CA ASN B 522 4.50 5.61 6.76
C ASN B 522 3.50 4.51 6.41
N THR B 523 3.12 4.37 5.15
CA THR B 523 2.10 3.40 4.77
C THR B 523 2.18 3.17 3.26
N SER B 524 1.30 2.30 2.78
CA SER B 524 1.13 1.96 1.38
C SER B 524 -0.34 2.11 1.02
N PRO B 525 -0.66 2.26 -0.28
CA PRO B 525 -2.08 2.46 -0.65
C PRO B 525 -3.01 1.38 -0.16
N SER B 526 -2.56 0.13 -0.09
CA SER B 526 -3.41 -0.94 0.44
C SER B 526 -3.78 -0.67 1.90
N GLY B 527 -2.82 -0.23 2.69
CA GLY B 527 -3.12 0.13 4.07
C GLY B 527 -4.09 1.29 4.16
N VAL B 528 -3.96 2.26 3.25
CA VAL B 528 -4.88 3.40 3.24
C VAL B 528 -6.30 2.93 2.95
N LEU B 529 -6.46 2.05 1.96
CA LEU B 529 -7.77 1.49 1.66
C LEU B 529 -8.32 0.70 2.84
N ALA B 530 -7.46 -0.08 3.51
CA ALA B 530 -7.90 -0.85 4.66
C ALA B 530 -8.39 0.05 5.77
N ASP B 531 -7.68 1.15 6.04
CA ASP B 531 -8.12 2.09 7.07
C ASP B 531 -9.42 2.77 6.67
N MET B 532 -9.58 3.11 5.39
CA MET B 532 -10.84 3.69 4.94
C MET B 532 -12.01 2.73 5.17
N VAL B 533 -11.81 1.45 4.85
CA VAL B 533 -12.88 0.47 5.06
C VAL B 533 -13.15 0.29 6.55
N ASP B 534 -12.11 0.23 7.37
CA ASP B 534 -12.29 0.02 8.81
C ASP B 534 -12.97 1.20 9.48
N ALA B 535 -12.75 2.42 8.97
CA ALA B 535 -13.31 3.60 9.60
C ALA B 535 -14.84 3.64 9.55
N GLY B 536 -15.45 2.88 8.65
CA GLY B 536 -16.89 2.82 8.59
C GLY B 536 -17.48 3.35 7.29
N ALA B 537 -16.76 3.21 6.20
CA ALA B 537 -17.20 3.66 4.89
C ALA B 537 -17.44 2.46 3.98
N VAL B 538 -18.51 2.55 3.19
CA VAL B 538 -18.86 1.51 2.23
C VAL B 538 -18.26 1.92 0.89
N ILE B 539 -17.26 1.17 0.43
CA ILE B 539 -16.56 1.46 -0.82
C ILE B 539 -17.04 0.50 -1.89
N LEU B 540 -17.35 1.03 -3.06
CA LEU B 540 -17.85 0.23 -4.18
C LEU B 540 -17.01 0.57 -5.41
N GLY B 541 -16.15 -0.36 -5.82
CA GLY B 541 -15.25 -0.14 -6.93
C GLY B 541 -15.71 -0.86 -8.18
N ILE B 542 -15.68 -0.15 -9.30
CA ILE B 542 -16.13 -0.66 -10.58
C ILE B 542 -14.95 -0.65 -11.55
N SER B 543 -14.62 -1.83 -12.09
CA SER B 543 -13.55 -1.96 -13.07
C SER B 543 -13.66 -3.33 -13.71
N ALA B 544 -12.95 -3.51 -14.82
CA ALA B 544 -12.96 -4.78 -15.54
C ALA B 544 -11.80 -5.69 -15.15
N THR B 545 -10.72 -5.13 -14.60
CA THR B 545 -9.56 -5.89 -14.15
C THR B 545 -9.25 -5.55 -12.70
N ALA B 546 -10.28 -5.52 -11.85
CA ALA B 546 -10.10 -5.14 -10.47
C ALA B 546 -9.38 -6.19 -9.65
N ARG B 547 -9.33 -7.44 -10.11
CA ARG B 547 -8.71 -8.51 -9.34
C ARG B 547 -7.53 -9.14 -10.09
N ALA B 548 -6.67 -8.30 -10.65
CA ALA B 548 -5.45 -8.80 -11.27
C ALA B 548 -4.51 -9.38 -10.21
N ASP B 549 -3.56 -10.20 -10.67
CA ASP B 549 -2.69 -10.95 -9.79
C ASP B 549 -1.29 -10.32 -9.73
N THR B 550 -1.23 -8.99 -9.68
CA THR B 550 0.02 -8.28 -9.56
C THR B 550 -0.07 -7.27 -8.41
N VAL B 551 1.07 -7.01 -7.79
CA VAL B 551 1.17 -6.04 -6.70
C VAL B 551 1.84 -4.75 -7.13
N ILE B 552 2.32 -4.68 -8.37
CA ILE B 552 2.91 -3.45 -8.89
C ILE B 552 1.86 -2.58 -9.56
N HIS B 553 0.95 -3.19 -10.32
CA HIS B 553 -0.08 -2.47 -11.05
C HIS B 553 -1.47 -2.68 -10.46
N ASN B 554 -1.55 -3.14 -9.22
CA ASN B 554 -2.85 -3.41 -8.59
C ASN B 554 -2.65 -3.45 -7.08
N PHE B 555 -3.78 -3.42 -6.36
CA PHE B 555 -3.75 -3.55 -4.92
C PHE B 555 -3.36 -4.97 -4.51
N ASP B 556 -2.84 -5.09 -3.29
CA ASP B 556 -2.41 -6.38 -2.75
C ASP B 556 -3.61 -7.02 -2.06
N PHE B 557 -4.32 -7.88 -2.79
CA PHE B 557 -5.55 -8.48 -2.28
C PHE B 557 -5.29 -9.64 -1.32
N LYS B 558 -4.04 -10.12 -1.21
CA LYS B 558 -3.73 -11.11 -0.18
C LYS B 558 -3.68 -10.47 1.19
N TYR B 559 -3.24 -9.20 1.27
CA TYR B 559 -3.19 -8.49 2.55
C TYR B 559 -4.58 -8.02 2.99
N LEU B 560 -5.45 -7.66 2.04
CA LEU B 560 -6.79 -7.21 2.40
C LEU B 560 -7.65 -8.35 2.94
N ASN B 561 -7.40 -9.58 2.46
CA ASN B 561 -8.18 -10.73 2.93
C ASN B 561 -7.79 -11.16 4.34
N GLU B 562 -6.57 -10.85 4.79
CA GLU B 562 -6.13 -11.23 6.12
C GLU B 562 -6.36 -10.15 7.16
N ARG B 563 -6.81 -8.96 6.76
CA ARG B 563 -7.11 -7.87 7.68
C ARG B 563 -8.60 -7.59 7.82
N LEU B 564 -9.33 -7.54 6.70
CA LEU B 564 -10.77 -7.29 6.76
C LEU B 564 -11.52 -8.53 7.21
N GLY B 565 -11.39 -9.63 6.47
CA GLY B 565 -12.04 -10.88 6.84
C GLY B 565 -13.39 -11.04 6.12
N ASN B 566 -14.48 -10.93 6.89
CA ASN B 566 -15.82 -11.10 6.35
C ASN B 566 -16.36 -9.84 5.68
N LYS B 567 -15.67 -8.71 5.81
CA LYS B 567 -16.14 -7.46 5.24
C LYS B 567 -15.74 -7.26 3.78
N LEU B 568 -14.91 -8.14 3.23
CA LEU B 568 -14.58 -8.11 1.81
C LEU B 568 -15.56 -9.05 1.11
N LEU B 569 -16.63 -8.48 0.57
CA LEU B 569 -17.69 -9.28 -0.04
C LEU B 569 -17.25 -9.78 -1.41
N SER B 570 -17.73 -10.98 -1.76
CA SER B 570 -17.41 -11.61 -3.03
C SER B 570 -18.67 -12.26 -3.60
N LEU B 571 -18.70 -12.40 -4.92
CA LEU B 571 -19.83 -13.00 -5.60
C LEU B 571 -19.73 -14.51 -5.62
N SER B 572 -20.88 -15.16 -5.74
CA SER B 572 -20.96 -16.60 -5.85
C SER B 572 -20.88 -17.02 -7.32
N ARG B 573 -21.01 -18.32 -7.57
CA ARG B 573 -20.93 -18.83 -8.93
C ARG B 573 -22.21 -18.55 -9.72
N GLU B 574 -23.37 -18.60 -9.05
CA GLU B 574 -24.63 -18.35 -9.74
C GLU B 574 -24.71 -16.92 -10.26
N GLN B 575 -24.26 -15.95 -9.46
CA GLN B 575 -24.31 -14.56 -9.89
C GLN B 575 -23.38 -14.33 -11.09
N LYS B 576 -22.18 -14.93 -11.06
CA LYS B 576 -21.28 -14.80 -12.20
C LYS B 576 -21.85 -15.46 -13.44
N GLN B 577 -22.51 -16.61 -13.28
CA GLN B 577 -23.17 -17.25 -14.43
C GLN B 577 -24.28 -16.37 -14.98
N ARG B 578 -25.04 -15.70 -14.12
CA ARG B 578 -26.10 -14.80 -14.57
C ARG B 578 -25.52 -13.61 -15.33
N VAL B 579 -24.46 -13.00 -14.79
CA VAL B 579 -23.78 -11.92 -15.50
C VAL B 579 -23.29 -12.40 -16.86
N ASN B 580 -22.76 -13.62 -16.89
CA ASN B 580 -22.19 -14.18 -18.11
C ASN B 580 -23.28 -14.38 -19.16
N ASN B 581 -24.44 -14.88 -18.73
CA ASN B 581 -25.60 -15.03 -19.61
C ASN B 581 -26.08 -13.69 -20.14
N TYR B 582 -26.14 -12.68 -19.27
CA TYR B 582 -26.55 -11.35 -19.72
C TYR B 582 -25.60 -10.83 -20.79
N TYR B 583 -24.29 -11.00 -20.58
CA TYR B 583 -23.34 -10.48 -21.56
C TYR B 583 -23.45 -11.22 -22.89
N HIS B 584 -23.64 -12.55 -22.87
CA HIS B 584 -23.88 -13.25 -24.13
C HIS B 584 -25.18 -12.80 -24.80
N SER B 585 -26.24 -12.57 -24.03
CA SER B 585 -27.50 -12.12 -24.63
C SER B 585 -27.32 -10.77 -25.31
N ARG B 586 -26.57 -9.87 -24.69
CA ARG B 586 -26.37 -8.55 -25.26
C ARG B 586 -25.31 -8.53 -26.37
N ARG B 587 -24.52 -9.58 -26.51
CA ARG B 587 -23.49 -9.64 -27.55
C ARG B 587 -23.31 -11.11 -27.93
N ASN B 588 -23.95 -11.53 -29.02
CA ASN B 588 -23.99 -12.93 -29.44
C ASN B 588 -23.15 -13.10 -30.70
N TYR B 589 -22.05 -13.85 -30.58
CA TYR B 589 -21.22 -14.16 -31.73
C TYR B 589 -21.48 -15.54 -32.33
N LYS B 590 -22.15 -16.43 -31.60
CA LYS B 590 -22.44 -17.75 -32.15
C LYS B 590 -23.70 -17.69 -33.01
N ASP B 591 -23.78 -16.70 -33.89
CA ASP B 591 -24.86 -16.33 -34.80
C ASP B 591 -24.35 -15.20 -35.68
N ASN B 592 -25.09 -14.94 -36.76
CA ASN B 592 -24.83 -13.81 -37.66
C ASN B 592 -23.49 -13.91 -38.38
N GLY B 593 -22.77 -15.01 -38.19
CA GLY B 593 -21.55 -15.26 -38.93
C GLY B 593 -20.40 -14.30 -38.68
N VAL B 594 -20.12 -13.98 -37.42
CA VAL B 594 -18.99 -13.14 -37.05
C VAL B 594 -17.83 -14.04 -36.66
N VAL B 595 -16.67 -13.83 -37.28
CA VAL B 595 -15.51 -14.69 -37.10
C VAL B 595 -14.28 -13.81 -36.88
N LEU B 596 -13.36 -14.32 -36.06
CA LEU B 596 -12.08 -13.66 -35.79
C LEU B 596 -10.94 -14.51 -36.29
N THR B 597 -9.89 -13.85 -36.78
CA THR B 597 -8.68 -14.53 -37.23
C THR B 597 -7.48 -13.96 -36.46
N VAL B 598 -6.62 -14.85 -35.97
CA VAL B 598 -5.45 -14.47 -35.19
C VAL B 598 -4.22 -15.04 -35.88
N LYS B 599 -3.20 -14.22 -36.05
CA LYS B 599 -1.98 -14.63 -36.73
C LYS B 599 -0.77 -14.03 -36.03
N TYR B 600 0.21 -14.89 -35.73
CA TYR B 600 1.50 -14.47 -35.19
C TYR B 600 2.50 -14.39 -36.34
N LEU B 601 3.21 -13.26 -36.42
CA LEU B 601 4.15 -13.01 -37.49
C LEU B 601 5.56 -12.84 -36.94
N ASN B 602 6.54 -13.31 -37.69
CA ASN B 602 7.94 -13.30 -37.30
C ASN B 602 8.71 -12.24 -38.08
N SER B 603 10.01 -12.15 -37.81
CA SER B 603 10.87 -11.19 -38.47
C SER B 603 11.50 -11.81 -39.72
N ARG B 604 11.64 -11.00 -40.76
CA ARG B 604 12.25 -11.42 -42.01
C ARG B 604 13.29 -10.39 -42.45
N ASP B 605 14.29 -10.85 -43.19
CA ASP B 605 15.38 -10.00 -43.62
C ASP B 605 15.43 -9.76 -45.12
N ALA B 606 15.05 -10.74 -45.94
CA ALA B 606 15.02 -10.54 -47.38
C ALA B 606 13.94 -9.54 -47.78
N PHE B 607 12.80 -9.57 -47.07
CA PHE B 607 11.72 -8.63 -47.35
C PHE B 607 12.18 -7.19 -47.17
N LEU B 608 12.76 -6.88 -46.01
CA LEU B 608 13.20 -5.52 -45.73
C LEU B 608 14.33 -5.10 -46.66
N ASP B 609 15.27 -6.02 -46.94
CA ASP B 609 16.38 -5.69 -47.83
C ASP B 609 15.89 -5.38 -49.24
N ALA B 610 14.95 -6.19 -49.75
CA ALA B 610 14.40 -5.94 -51.08
C ALA B 610 13.66 -4.60 -51.11
N LEU B 611 12.87 -4.31 -50.08
CA LEU B 611 12.16 -3.04 -50.04
C LEU B 611 13.13 -1.87 -50.00
N LEU B 612 14.20 -1.99 -49.21
CA LEU B 612 15.18 -0.91 -49.11
C LEU B 612 15.92 -0.71 -50.43
N GLU B 613 16.27 -1.81 -51.11
CA GLU B 613 16.96 -1.69 -52.39
C GLU B 613 16.04 -1.10 -53.45
N GLU B 614 14.74 -1.37 -53.37
CA GLU B 614 13.80 -0.74 -54.30
C GLU B 614 13.60 0.74 -53.96
N TYR B 615 13.74 1.11 -52.68
CA TYR B 615 13.52 2.50 -52.27
C TYR B 615 14.51 3.44 -52.94
N LYS B 616 15.81 3.14 -52.82
CA LYS B 616 16.87 3.96 -53.41
C LYS B 616 17.76 3.08 -54.28
N PRO B 617 17.48 3.01 -55.58
CA PRO B 617 18.26 2.15 -56.46
C PRO B 617 19.64 2.68 -56.82
N GLU B 618 19.94 3.94 -56.50
CA GLU B 618 21.24 4.51 -56.85
C GLU B 618 22.37 4.01 -55.95
N ALA B 619 22.05 3.48 -54.78
CA ALA B 619 23.06 2.99 -53.86
C ALA B 619 23.40 1.54 -54.17
N ARG B 620 24.38 1.00 -53.44
CA ARG B 620 24.87 -0.36 -53.66
C ARG B 620 24.60 -1.31 -52.51
N SER B 621 24.48 -0.82 -51.28
CA SER B 621 24.28 -1.67 -50.12
C SER B 621 23.20 -1.10 -49.22
N SER B 622 22.54 -1.98 -48.48
CA SER B 622 21.49 -1.55 -47.56
C SER B 622 22.09 -0.88 -46.32
N HIS B 623 23.29 -1.29 -45.92
CA HIS B 623 23.94 -0.66 -44.78
C HIS B 623 24.19 0.82 -45.04
N PHE B 624 24.70 1.14 -46.24
CA PHE B 624 24.91 2.53 -46.61
C PHE B 624 23.60 3.29 -46.69
N ILE B 625 22.55 2.64 -47.21
CA ILE B 625 21.25 3.28 -47.33
C ILE B 625 20.73 3.67 -45.94
N LEU B 626 20.82 2.75 -44.99
CA LEU B 626 20.35 3.04 -43.64
C LEU B 626 21.22 4.07 -42.95
N ASN B 627 22.54 4.01 -43.13
CA ASN B 627 23.43 4.92 -42.43
C ASN B 627 23.36 6.34 -42.99
N HIS B 628 23.05 6.49 -44.27
CA HIS B 628 23.10 7.80 -44.91
C HIS B 628 21.74 8.50 -44.89
N TYR B 629 20.74 7.91 -45.52
CA TYR B 629 19.45 8.58 -45.65
C TYR B 629 18.67 8.58 -44.34
N LEU B 630 18.64 7.46 -43.65
CA LEU B 630 17.93 7.37 -42.37
C LEU B 630 18.85 7.80 -41.22
N GLY B 631 18.23 8.23 -40.13
CA GLY B 631 18.95 8.75 -38.99
C GLY B 631 19.52 7.71 -38.05
N ILE B 632 19.33 6.42 -38.34
CA ILE B 632 19.82 5.39 -37.44
C ILE B 632 21.34 5.35 -37.49
N ALA B 633 21.95 4.91 -36.38
CA ALA B 633 23.39 4.84 -36.24
C ALA B 633 23.87 3.42 -36.53
N GLU B 634 25.16 3.17 -36.27
CA GLU B 634 25.73 1.85 -36.48
C GLU B 634 25.23 0.84 -35.45
N SER B 635 24.98 1.29 -34.22
CA SER B 635 24.58 0.36 -33.17
C SER B 635 23.14 -0.12 -33.38
N GLU B 636 22.23 0.79 -33.71
CA GLU B 636 20.81 0.45 -33.85
C GLU B 636 20.56 -0.08 -35.26
N GLN B 637 20.83 -1.37 -35.43
CA GLN B 637 20.57 -2.03 -36.72
C GLN B 637 19.61 -3.20 -36.60
N ALA B 638 19.83 -4.11 -35.65
CA ALA B 638 19.00 -5.32 -35.58
C ALA B 638 17.60 -5.01 -35.04
N PHE B 639 17.53 -4.21 -33.97
CA PHE B 639 16.23 -3.90 -33.35
C PHE B 639 15.34 -3.15 -34.31
N VAL B 640 15.88 -2.13 -34.98
CA VAL B 640 15.11 -1.35 -35.93
C VAL B 640 14.62 -2.23 -37.07
N ARG B 641 15.52 -3.06 -37.61
CA ARG B 641 15.14 -3.98 -38.67
C ARG B 641 13.98 -4.87 -38.24
N SER B 642 14.08 -5.46 -37.04
CA SER B 642 13.05 -6.39 -36.58
C SER B 642 11.70 -5.71 -36.45
N TRP B 643 11.64 -4.59 -35.72
CA TRP B 643 10.33 -4.00 -35.46
C TRP B 643 9.75 -3.34 -36.71
N LEU B 644 10.61 -2.73 -37.55
CA LEU B 644 10.13 -2.17 -38.81
C LEU B 644 9.60 -3.26 -39.73
N SER B 645 10.29 -4.40 -39.80
CA SER B 645 9.81 -5.50 -40.64
C SER B 645 8.48 -6.03 -40.14
N LYS B 646 8.32 -6.17 -38.82
CA LYS B 646 7.06 -6.63 -38.28
C LYS B 646 5.93 -5.67 -38.63
N LEU B 647 6.15 -4.37 -38.43
CA LEU B 647 5.12 -3.39 -38.72
C LEU B 647 4.77 -3.37 -40.20
N LEU B 648 5.78 -3.44 -41.09
CA LEU B 648 5.51 -3.40 -42.51
C LEU B 648 4.77 -4.64 -42.98
N ALA B 649 5.12 -5.82 -42.44
CA ALA B 649 4.39 -7.03 -42.78
C ALA B 649 2.94 -6.93 -42.35
N SER B 650 2.69 -6.42 -41.15
CA SER B 650 1.31 -6.26 -40.69
C SER B 650 0.54 -5.29 -41.59
N ILE B 651 1.17 -4.18 -41.98
CA ILE B 651 0.51 -3.19 -42.83
C ILE B 651 0.18 -3.79 -44.19
N LYS B 652 1.12 -4.52 -44.78
CA LYS B 652 0.88 -5.15 -46.08
C LYS B 652 -0.24 -6.17 -45.99
N ALA B 653 -0.25 -6.97 -44.92
CA ALA B 653 -1.32 -7.96 -44.75
C ALA B 653 -2.68 -7.29 -44.63
N PHE B 654 -2.75 -6.17 -43.89
CA PHE B 654 -4.01 -5.46 -43.76
C PHE B 654 -4.46 -4.89 -45.11
N ILE B 655 -3.54 -4.28 -45.85
CA ILE B 655 -3.90 -3.65 -47.12
C ILE B 655 -4.36 -4.69 -48.13
N SER B 656 -3.77 -5.89 -48.10
CA SER B 656 -4.18 -6.93 -49.03
C SER B 656 -5.64 -7.32 -48.85
N SER B 657 -6.15 -7.21 -47.62
CA SER B 657 -7.54 -7.60 -47.35
C SER B 657 -8.50 -6.56 -47.91
N PRO B 658 -9.46 -6.96 -48.76
CA PRO B 658 -10.33 -5.97 -49.40
C PRO B 658 -11.36 -5.33 -48.47
N ASP B 659 -12.05 -6.13 -47.65
CA ASP B 659 -13.19 -5.66 -46.88
C ASP B 659 -12.73 -5.22 -45.49
N ASN B 660 -12.13 -4.03 -45.47
CA ASN B 660 -11.76 -3.38 -44.21
C ASN B 660 -11.59 -1.89 -44.46
N ARG B 661 -11.83 -1.11 -43.42
CA ARG B 661 -11.80 0.34 -43.52
C ARG B 661 -11.02 1.03 -42.42
N TYR B 662 -10.81 0.40 -41.27
CA TYR B 662 -10.15 1.01 -40.12
C TYR B 662 -8.97 0.16 -39.68
N MET B 663 -7.94 0.83 -39.19
CA MET B 663 -6.79 0.15 -38.60
C MET B 663 -6.17 1.04 -37.54
N LEU B 664 -5.97 0.49 -36.34
CA LEU B 664 -5.28 1.17 -35.25
C LEU B 664 -4.12 0.29 -34.83
N SER B 665 -2.90 0.80 -34.97
CA SER B 665 -1.68 0.04 -34.69
C SER B 665 -1.10 0.53 -33.36
N LEU B 666 -1.38 -0.19 -32.29
CA LEU B 666 -0.83 0.12 -30.99
C LEU B 666 0.67 -0.16 -30.98
N LEU B 667 1.47 0.86 -30.66
CA LEU B 667 2.92 0.75 -30.70
C LEU B 667 3.49 1.19 -29.36
N ASN B 668 4.81 1.28 -29.23
CA ASN B 668 5.45 1.69 -28.00
C ASN B 668 6.16 3.03 -28.08
N ARG B 669 6.29 3.60 -29.27
CA ARG B 669 6.91 4.90 -29.48
C ARG B 669 6.05 5.73 -30.42
N THR B 670 6.17 7.04 -30.30
CA THR B 670 5.40 7.95 -31.14
C THR B 670 6.17 8.28 -32.41
N LEU B 671 5.45 8.30 -33.53
CA LEU B 671 6.04 8.56 -34.85
C LEU B 671 5.78 10.02 -35.18
N ASP B 672 6.75 10.88 -34.92
CA ASP B 672 6.61 12.32 -35.06
C ASP B 672 7.70 12.86 -35.97
N THR B 673 7.84 14.19 -35.99
CA THR B 673 8.81 14.85 -36.86
C THR B 673 10.24 14.42 -36.58
N THR B 674 10.53 13.91 -35.40
CA THR B 674 11.85 13.37 -35.10
C THR B 674 12.16 12.13 -35.94
N ARG B 675 11.13 11.45 -36.45
CA ARG B 675 11.31 10.25 -37.26
C ARG B 675 10.77 10.47 -38.66
N GLN B 676 11.08 11.62 -39.25
CA GLN B 676 10.53 11.98 -40.55
C GLN B 676 11.03 11.05 -41.64
N ASN B 677 12.29 10.60 -41.56
CA ASN B 677 12.82 9.69 -42.57
C ASN B 677 12.07 8.36 -42.57
N ILE B 678 11.85 7.80 -41.37
CA ILE B 678 11.09 6.55 -41.27
C ILE B 678 9.66 6.76 -41.73
N ASN B 679 9.08 7.92 -41.41
CA ASN B 679 7.73 8.22 -41.88
C ASN B 679 7.68 8.25 -43.40
N ASP B 680 8.68 8.87 -44.03
CA ASP B 680 8.73 8.93 -45.49
C ASP B 680 8.88 7.54 -46.10
N PHE B 681 9.72 6.70 -45.49
CA PHE B 681 9.89 5.33 -45.97
C PHE B 681 8.57 4.57 -45.88
N ILE B 682 7.87 4.70 -44.76
CA ILE B 682 6.59 4.03 -44.58
C ILE B 682 5.57 4.55 -45.59
N GLN B 683 5.56 5.85 -45.83
CA GLN B 683 4.64 6.43 -46.81
C GLN B 683 4.93 5.91 -48.21
N PHE B 684 6.21 5.79 -48.58
CA PHE B 684 6.56 5.25 -49.89
C PHE B 684 6.09 3.80 -50.03
N CYS B 685 6.31 2.99 -48.99
CA CYS B 685 5.84 1.61 -49.02
C CYS B 685 4.33 1.54 -49.14
N CYS B 686 3.62 2.40 -48.38
CA CYS B 686 2.16 2.41 -48.45
C CYS B 686 1.67 2.82 -49.83
N ASP B 687 2.32 3.81 -50.45
CA ASP B 687 1.94 4.22 -51.79
C ASP B 687 2.18 3.09 -52.79
N LYS B 688 3.30 2.39 -52.66
CA LYS B 688 3.59 1.28 -53.56
C LYS B 688 2.54 0.17 -53.43
N TRP B 689 2.19 -0.18 -52.19
CA TRP B 689 1.21 -1.25 -51.99
C TRP B 689 -0.19 -0.82 -52.41
N ALA B 690 -0.53 0.47 -52.24
CA ALA B 690 -1.80 0.97 -52.72
C ALA B 690 -1.86 0.94 -54.25
N LYS B 691 -0.74 1.25 -54.90
CA LYS B 691 -0.69 1.16 -56.36
C LYS B 691 -0.80 -0.29 -56.84
N GLU B 692 -0.23 -1.23 -56.08
CA GLU B 692 -0.28 -2.62 -56.51
C GLU B 692 -1.72 -3.14 -56.55
N PHE B 693 -2.52 -2.80 -55.54
CA PHE B 693 -3.94 -3.08 -55.56
C PHE B 693 -4.67 -1.87 -56.14
N ASN B 694 -6.00 -1.83 -56.00
CA ASN B 694 -6.80 -0.67 -56.39
C ASN B 694 -7.60 -0.19 -55.17
N VAL B 695 -6.94 0.61 -54.32
CA VAL B 695 -7.53 1.19 -53.13
C VAL B 695 -6.83 2.52 -52.88
N LYS B 696 -7.53 3.45 -52.24
CA LYS B 696 -6.94 4.72 -51.79
C LYS B 696 -6.83 4.69 -50.28
N THR B 697 -5.63 4.96 -49.77
CA THR B 697 -5.34 4.90 -48.34
C THR B 697 -4.82 6.24 -47.85
N LYS B 698 -5.28 6.64 -46.66
CA LYS B 698 -4.82 7.85 -45.99
C LYS B 698 -4.20 7.48 -44.66
N THR B 699 -3.04 8.04 -44.36
CA THR B 699 -2.28 7.69 -43.16
C THR B 699 -2.19 8.87 -42.21
N PHE B 700 -2.39 8.60 -40.92
CA PHE B 700 -2.29 9.60 -39.87
C PHE B 700 -1.09 9.26 -38.99
N PHE B 701 -0.18 10.22 -38.86
CA PHE B 701 1.02 10.05 -38.05
C PHE B 701 0.97 10.94 -36.81
N GLY B 702 1.69 10.51 -35.78
CA GLY B 702 1.85 11.32 -34.58
C GLY B 702 0.57 11.64 -33.84
N VAL B 703 -0.30 10.64 -33.65
CA VAL B 703 -1.55 10.83 -32.93
C VAL B 703 -1.24 10.78 -31.44
N ASN B 704 -1.19 11.94 -30.80
CA ASN B 704 -0.96 12.06 -29.37
C ASN B 704 -2.20 12.61 -28.69
N ALA B 705 -2.14 12.71 -27.36
CA ALA B 705 -3.19 13.41 -26.63
C ALA B 705 -3.18 14.89 -26.97
N ASP B 706 -1.99 15.47 -27.17
CA ASP B 706 -1.90 16.85 -27.62
C ASP B 706 -2.56 17.02 -28.98
N TRP B 707 -2.33 16.08 -29.90
CA TRP B 707 -2.99 16.14 -31.20
C TRP B 707 -4.50 15.99 -31.06
N MET B 708 -4.95 15.15 -30.12
CA MET B 708 -6.38 15.02 -29.87
C MET B 708 -6.99 16.31 -29.37
N ARG B 709 -6.31 17.01 -28.46
CA ARG B 709 -6.84 18.24 -27.88
C ARG B 709 -6.64 19.46 -28.78
N LEU B 710 -5.78 19.37 -29.80
CA LEU B 710 -5.54 20.50 -30.69
C LEU B 710 -6.35 20.39 -31.98
N VAL B 711 -6.26 19.28 -32.68
CA VAL B 711 -7.02 19.08 -33.92
C VAL B 711 -8.34 18.37 -33.64
N GLY B 712 -8.29 17.24 -32.97
CA GLY B 712 -9.50 16.52 -32.61
C GLY B 712 -9.59 15.18 -33.31
N TYR B 713 -10.27 14.24 -32.66
CA TYR B 713 -10.51 12.93 -33.24
C TYR B 713 -11.66 12.94 -34.24
N ASP B 714 -12.35 14.08 -34.40
CA ASP B 714 -13.47 14.18 -35.33
C ASP B 714 -13.02 14.22 -36.78
N GLU B 715 -11.74 14.51 -37.03
CA GLU B 715 -11.24 14.51 -38.41
C GLU B 715 -11.35 13.12 -39.01
N ILE B 716 -11.00 12.09 -38.26
CA ILE B 716 -11.18 10.72 -38.73
C ILE B 716 -12.65 10.43 -38.97
N SER B 717 -13.52 10.90 -38.06
CA SER B 717 -14.94 10.64 -38.22
C SER B 717 -15.48 11.23 -39.51
N LYS B 718 -15.09 12.46 -39.83
CA LYS B 718 -15.52 13.06 -41.10
C LYS B 718 -14.88 12.35 -42.29
N HIS B 719 -13.60 11.99 -42.19
CA HIS B 719 -12.93 11.35 -43.31
C HIS B 719 -13.49 9.98 -43.62
N LEU B 720 -14.04 9.30 -42.61
CA LEU B 720 -14.57 7.96 -42.80
C LEU B 720 -15.96 7.93 -43.39
N ASN B 721 -16.74 9.00 -43.24
CA ASN B 721 -18.13 8.99 -43.67
C ASN B 721 -18.39 9.94 -44.84
N THR B 722 -17.34 10.47 -45.47
CA THR B 722 -17.48 11.35 -46.63
C THR B 722 -16.79 10.83 -47.88
N GLU B 723 -15.57 10.29 -47.76
CA GLU B 723 -14.85 9.79 -48.92
C GLU B 723 -14.42 8.35 -48.68
N LEU B 724 -14.58 7.52 -49.71
CA LEU B 724 -14.25 6.11 -49.61
C LEU B 724 -12.74 5.91 -49.56
N GLY B 725 -12.31 4.92 -48.78
CA GLY B 725 -10.90 4.62 -48.67
C GLY B 725 -10.61 3.89 -47.37
N LYS B 726 -9.32 3.77 -47.07
CA LYS B 726 -8.84 3.14 -45.87
C LYS B 726 -8.02 4.13 -45.05
N VAL B 727 -8.07 3.99 -43.73
CA VAL B 727 -7.39 4.88 -42.80
C VAL B 727 -6.50 4.05 -41.89
N VAL B 728 -5.25 4.48 -41.73
CA VAL B 728 -4.29 3.83 -40.84
C VAL B 728 -3.86 4.86 -39.79
N VAL B 729 -3.93 4.47 -38.52
CA VAL B 729 -3.66 5.37 -37.40
C VAL B 729 -2.47 4.82 -36.62
N PHE B 730 -1.49 5.68 -36.34
CA PHE B 730 -0.34 5.34 -35.53
C PHE B 730 -0.45 6.02 -34.17
N SER B 731 -0.28 5.25 -33.11
CA SER B 731 -0.44 5.76 -31.75
C SER B 731 0.37 4.88 -30.80
N THR B 732 0.12 5.05 -29.49
CA THR B 732 0.91 4.43 -28.44
C THR B 732 -0.04 3.82 -27.41
N TYR B 733 0.48 2.87 -26.63
CA TYR B 733 -0.29 2.28 -25.54
C TYR B 733 -0.77 3.37 -24.56
N ALA B 734 0.13 4.27 -24.18
CA ALA B 734 -0.22 5.30 -23.20
C ALA B 734 -1.10 6.39 -23.78
N SER B 735 -0.97 6.66 -25.09
CA SER B 735 -1.77 7.72 -25.71
C SER B 735 -3.25 7.40 -25.66
N MET B 736 -3.62 6.13 -25.88
CA MET B 736 -5.02 5.73 -25.81
C MET B 736 -5.44 5.46 -24.37
N GLY B 737 -5.15 6.41 -23.49
CA GLY B 737 -5.60 6.35 -22.11
C GLY B 737 -6.30 7.64 -21.73
N ALA B 738 -6.05 8.69 -22.52
CA ALA B 738 -6.72 9.97 -22.33
C ALA B 738 -7.80 10.24 -23.37
N GLY B 739 -7.69 9.62 -24.55
CA GLY B 739 -8.70 9.74 -25.57
C GLY B 739 -9.55 8.49 -25.66
N LYS B 740 -10.84 8.64 -25.40
CA LYS B 740 -11.77 7.52 -25.34
C LYS B 740 -12.84 7.67 -26.40
N ASN B 741 -13.65 6.61 -26.54
CA ASN B 741 -14.77 6.54 -27.48
C ASN B 741 -14.30 6.77 -28.92
N PRO B 742 -13.55 5.84 -29.51
CA PRO B 742 -13.12 6.00 -30.91
C PRO B 742 -14.14 5.43 -31.89
N ASP B 743 -15.30 6.08 -31.98
CA ASP B 743 -16.39 5.66 -32.84
C ASP B 743 -16.53 6.64 -34.01
N TYR B 744 -17.40 6.27 -34.95
CA TYR B 744 -17.67 7.13 -36.10
C TYR B 744 -19.04 6.77 -36.66
N ALA B 745 -19.63 7.73 -37.36
CA ALA B 745 -20.94 7.54 -37.97
C ALA B 745 -20.82 6.68 -39.22
N VAL B 746 -21.88 5.92 -39.50
CA VAL B 746 -21.89 4.97 -40.61
C VAL B 746 -22.66 5.57 -41.78
N ASN B 747 -22.41 5.02 -42.96
CA ASN B 747 -23.17 5.35 -44.17
C ASN B 747 -23.37 4.08 -44.97
N LEU B 748 -24.63 3.69 -45.15
CA LEU B 748 -24.92 2.46 -45.88
C LEU B 748 -24.50 2.56 -47.35
N ALA B 749 -24.41 3.78 -47.90
CA ALA B 749 -24.00 3.93 -49.29
C ALA B 749 -22.50 3.63 -49.46
N LEU B 750 -21.66 4.17 -48.59
CA LEU B 750 -20.23 3.97 -48.73
C LEU B 750 -19.82 2.56 -48.32
N GLU B 751 -20.36 2.06 -47.22
CA GLU B 751 -20.01 0.72 -46.77
C GLU B 751 -20.63 -0.35 -47.68
N GLY B 752 -20.09 -1.56 -47.58
CA GLY B 752 -20.60 -2.67 -48.36
C GLY B 752 -21.80 -3.33 -47.70
N GLU B 753 -21.78 -4.66 -47.61
CA GLU B 753 -22.87 -5.41 -47.00
C GLU B 753 -22.49 -6.01 -45.65
N SER B 754 -21.26 -5.78 -45.18
CA SER B 754 -20.76 -6.44 -43.97
C SER B 754 -20.95 -5.56 -42.74
N LEU B 755 -22.18 -5.17 -42.47
CA LEU B 755 -22.52 -4.35 -41.30
C LEU B 755 -23.59 -5.04 -40.47
N ILE B 756 -23.39 -6.33 -40.20
CA ILE B 756 -24.38 -7.10 -39.47
C ILE B 756 -24.41 -6.68 -38.01
N SER B 757 -25.62 -6.48 -37.49
CA SER B 757 -25.79 -6.15 -36.08
C SER B 757 -25.61 -7.41 -35.23
N VAL B 758 -25.14 -7.21 -34.00
CA VAL B 758 -24.86 -8.33 -33.11
C VAL B 758 -25.90 -8.47 -32.00
N ALA B 759 -26.56 -7.38 -31.61
CA ALA B 759 -27.58 -7.45 -30.57
C ALA B 759 -28.81 -8.19 -31.08
N ASP B 760 -29.44 -8.93 -30.17
CA ASP B 760 -30.62 -9.72 -30.50
C ASP B 760 -31.93 -8.93 -30.43
N VAL B 761 -31.89 -7.71 -29.90
CA VAL B 761 -33.09 -6.89 -29.74
C VAL B 761 -32.87 -5.57 -30.48
N THR B 762 -33.94 -4.80 -30.58
CA THR B 762 -33.86 -3.48 -31.21
C THR B 762 -32.96 -2.56 -30.39
N TYR B 763 -32.14 -1.79 -31.08
CA TYR B 763 -31.18 -0.89 -30.45
C TYR B 763 -31.60 0.55 -30.66
N SER B 764 -31.50 1.35 -29.60
CA SER B 764 -31.89 2.76 -29.65
C SER B 764 -30.69 3.61 -30.06
N THR B 765 -30.82 4.93 -29.90
CA THR B 765 -29.76 5.90 -30.19
C THR B 765 -29.34 5.86 -31.65
N GLN B 766 -28.18 6.43 -31.94
CA GLN B 766 -27.69 6.56 -33.32
C GLN B 766 -27.00 5.26 -33.75
N LEU B 767 -26.53 5.25 -34.99
CA LEU B 767 -25.82 4.11 -35.57
C LEU B 767 -24.33 4.43 -35.63
N ARG B 768 -23.51 3.53 -35.09
CA ARG B 768 -22.08 3.73 -35.05
C ARG B 768 -21.36 2.41 -35.22
N SER B 769 -20.13 2.47 -35.70
CA SER B 769 -19.26 1.30 -35.88
C SER B 769 -17.93 1.57 -35.20
N ASP B 770 -17.06 0.57 -35.20
CA ASP B 770 -15.81 0.64 -34.44
C ASP B 770 -14.69 -0.02 -35.24
N ILE B 771 -13.54 -0.20 -34.58
CA ILE B 771 -12.36 -0.73 -35.24
C ILE B 771 -12.56 -2.19 -35.59
N ASP B 772 -12.03 -2.61 -36.75
CA ASP B 772 -12.13 -3.98 -37.21
C ASP B 772 -10.76 -4.57 -37.58
N SER B 773 -9.68 -3.92 -37.17
CA SER B 773 -8.33 -4.44 -37.40
C SER B 773 -7.37 -3.70 -36.49
N ILE B 774 -6.58 -4.46 -35.73
CA ILE B 774 -5.65 -3.88 -34.76
C ILE B 774 -4.36 -4.68 -34.80
N TYR B 775 -3.23 -3.99 -34.61
CA TYR B 775 -1.92 -4.62 -34.51
C TYR B 775 -1.36 -4.39 -33.11
N LEU B 776 -0.92 -5.47 -32.47
CA LEU B 776 -0.44 -5.43 -31.09
C LEU B 776 1.05 -5.73 -31.05
N GLU B 777 1.79 -4.94 -30.28
CA GLU B 777 3.22 -5.13 -30.07
C GLU B 777 3.47 -5.55 -28.63
N LYS B 778 4.60 -6.19 -28.40
CA LYS B 778 4.95 -6.62 -27.05
C LYS B 778 5.26 -5.41 -26.19
N PRO B 779 4.62 -5.27 -25.03
CA PRO B 779 4.86 -4.09 -24.18
C PRO B 779 6.27 -4.07 -23.62
N THR B 780 6.70 -2.87 -23.25
CA THR B 780 8.01 -2.62 -22.66
C THR B 780 7.82 -1.91 -21.32
N GLN B 781 8.88 -1.30 -20.81
CA GLN B 781 9.14 -1.10 -19.38
C GLN B 781 7.88 -0.93 -18.54
N LEU B 782 7.75 -1.76 -17.50
CA LEU B 782 6.57 -1.78 -16.65
C LEU B 782 6.91 -1.46 -15.20
N LEU B 783 8.15 -1.05 -14.93
CA LEU B 783 8.52 -0.55 -13.62
C LEU B 783 8.08 0.92 -13.51
N LEU B 784 7.30 1.23 -12.48
CA LEU B 784 6.80 2.59 -12.31
C LEU B 784 7.94 3.55 -12.04
N SER B 785 7.78 4.78 -12.54
CA SER B 785 8.77 5.82 -12.36
C SER B 785 8.07 7.14 -12.06
N ASP B 786 8.79 8.02 -11.37
CA ASP B 786 8.29 9.34 -11.00
C ASP B 786 9.19 10.42 -11.56
N ASP B 787 8.58 11.46 -12.12
CA ASP B 787 9.30 12.57 -12.75
C ASP B 787 9.02 13.89 -12.04
N TYR B 788 8.80 13.84 -10.73
CA TYR B 788 8.57 15.05 -9.94
C TYR B 788 9.86 15.59 -9.33
N SER B 789 10.73 14.70 -8.85
CA SER B 789 11.99 15.10 -8.23
C SER B 789 12.94 13.91 -8.31
N HIS B 790 14.05 14.00 -7.58
CA HIS B 790 15.02 12.91 -7.52
C HIS B 790 14.68 11.88 -6.45
N THR B 791 14.14 12.33 -5.31
CA THR B 791 13.85 11.41 -4.22
C THR B 791 12.61 10.56 -4.48
N ALA B 792 11.63 11.10 -5.22
CA ALA B 792 10.39 10.37 -5.45
C ALA B 792 10.64 9.08 -6.22
N ASN B 793 11.51 9.13 -7.24
CA ASN B 793 11.80 7.93 -8.02
C ASN B 793 12.44 6.85 -7.16
N GLN B 794 13.40 7.24 -6.31
CA GLN B 794 14.05 6.26 -5.45
C GLN B 794 13.07 5.66 -4.44
N LEU B 795 12.19 6.51 -3.88
CA LEU B 795 11.17 5.99 -2.97
C LEU B 795 10.26 4.99 -3.69
N CYS B 796 9.86 5.30 -4.93
CA CYS B 796 9.03 4.39 -5.69
C CYS B 796 9.73 3.07 -5.94
N GLN B 797 11.00 3.11 -6.35
CA GLN B 797 11.73 1.89 -6.63
C GLN B 797 11.89 1.02 -5.39
N PHE B 798 12.25 1.64 -4.26
CA PHE B 798 12.38 0.87 -3.03
C PHE B 798 11.05 0.29 -2.58
N HIS B 799 9.97 1.05 -2.74
CA HIS B 799 8.64 0.53 -2.42
C HIS B 799 8.31 -0.69 -3.28
N GLN B 800 8.60 -0.62 -4.58
CA GLN B 800 8.33 -1.76 -5.45
C GLN B 800 9.14 -2.98 -5.04
N ILE B 801 10.43 -2.79 -4.73
CA ILE B 801 11.26 -3.92 -4.33
C ILE B 801 10.75 -4.55 -3.04
N LEU B 802 10.41 -3.70 -2.05
CA LEU B 802 9.92 -4.23 -0.77
C LEU B 802 8.59 -4.95 -0.94
N SER B 803 7.68 -4.41 -1.76
CA SER B 803 6.41 -5.08 -2.00
C SER B 803 6.63 -6.44 -2.68
N LEU B 804 7.53 -6.49 -3.65
CA LEU B 804 7.81 -7.76 -4.33
C LEU B 804 8.36 -8.78 -3.35
N GLN B 805 9.28 -8.35 -2.47
CA GLN B 805 9.82 -9.29 -1.48
C GLN B 805 8.74 -9.75 -0.50
N GLU B 806 7.89 -8.83 -0.05
CA GLU B 806 6.89 -9.17 0.96
C GLU B 806 5.84 -10.11 0.41
N ASN B 807 5.44 -9.94 -0.85
CA ASN B 807 4.42 -10.79 -1.42
C ASN B 807 4.86 -12.25 -1.47
N GLY B 808 6.13 -12.49 -1.80
CA GLY B 808 6.65 -13.84 -1.86
C GLY B 808 7.24 -14.18 -3.20
N GLU B 809 7.56 -13.16 -3.99
CA GLU B 809 8.12 -13.33 -5.32
C GLU B 809 9.64 -13.20 -5.34
N LEU B 810 10.28 -12.95 -4.21
CA LEU B 810 11.71 -12.80 -4.14
C LEU B 810 12.24 -13.41 -2.84
N SER B 811 13.28 -14.22 -2.96
CA SER B 811 13.96 -14.73 -1.78
C SER B 811 14.71 -13.59 -1.09
N PRO B 812 14.95 -13.70 0.22
CA PRO B 812 15.66 -12.61 0.92
C PRO B 812 17.02 -12.29 0.32
N LYS B 813 17.75 -13.30 -0.17
CA LYS B 813 19.04 -13.04 -0.78
C LYS B 813 18.91 -12.17 -2.02
N SER B 814 17.99 -12.53 -2.92
CA SER B 814 17.81 -11.76 -4.15
C SER B 814 17.33 -10.35 -3.84
N ALA B 815 16.40 -10.21 -2.90
CA ALA B 815 15.90 -8.88 -2.54
C ALA B 815 17.01 -8.02 -1.95
N GLU B 816 17.84 -8.59 -1.07
CA GLU B 816 18.93 -7.83 -0.49
C GLU B 816 19.95 -7.42 -1.55
N ASN B 817 20.27 -8.33 -2.47
CA ASN B 817 21.20 -8.00 -3.54
C ASN B 817 20.66 -6.90 -4.44
N TRP B 818 19.37 -6.98 -4.78
CA TRP B 818 18.76 -5.94 -5.62
C TRP B 818 18.76 -4.59 -4.89
N CYS B 819 18.45 -4.60 -3.59
CA CYS B 819 18.47 -3.35 -2.82
C CYS B 819 19.86 -2.76 -2.76
N ARG B 820 20.88 -3.61 -2.54
CA ARG B 820 22.26 -3.12 -2.49
C ARG B 820 22.68 -2.54 -3.82
N GLN B 821 22.33 -3.20 -4.93
CA GLN B 821 22.71 -2.70 -6.24
C GLN B 821 22.00 -1.38 -6.57
N GLN B 822 20.71 -1.28 -6.23
CA GLN B 822 19.96 -0.05 -6.53
C GLN B 822 20.43 1.10 -5.66
N LEU B 823 20.80 0.83 -4.41
CA LEU B 823 21.14 1.90 -3.48
C LEU B 823 22.37 2.67 -3.93
N MET B 824 23.34 2.00 -4.56
CA MET B 824 24.61 2.61 -4.94
C MET B 824 24.69 2.93 -6.43
N GLY B 825 23.56 3.13 -7.08
CA GLY B 825 23.56 3.51 -8.48
C GLY B 825 23.22 2.37 -9.42
N MET B 826 22.21 2.56 -10.26
CA MET B 826 21.78 1.53 -11.20
C MET B 826 21.22 2.20 -12.44
N SER B 827 21.24 1.46 -13.55
CA SER B 827 20.63 1.89 -14.79
C SER B 827 19.30 1.15 -14.99
N ARG B 828 18.46 1.72 -15.86
CA ARG B 828 17.13 1.16 -16.10
C ARG B 828 17.22 -0.24 -16.70
N GLU B 829 18.27 -0.50 -17.47
CA GLU B 829 18.42 -1.79 -18.15
C GLU B 829 18.59 -2.92 -17.13
N ARG B 830 19.46 -2.69 -16.14
CA ARG B 830 19.68 -3.69 -15.10
C ARG B 830 18.43 -3.91 -14.26
N SER B 831 17.71 -2.83 -13.94
CA SER B 831 16.46 -2.97 -13.18
C SER B 831 15.44 -3.78 -13.95
N LEU B 832 15.30 -3.51 -15.26
CA LEU B 832 14.38 -4.29 -16.07
C LEU B 832 14.80 -5.75 -16.15
N GLN B 833 16.10 -6.01 -16.27
CA GLN B 833 16.59 -7.38 -16.31
C GLN B 833 16.27 -8.11 -15.00
N GLN B 834 16.46 -7.44 -13.87
CA GLN B 834 16.11 -8.05 -12.59
C GLN B 834 14.62 -8.29 -12.48
N TYR B 835 13.80 -7.36 -12.98
CA TYR B 835 12.35 -7.49 -12.88
C TYR B 835 11.82 -8.58 -13.80
N HIS B 836 12.50 -8.86 -14.90
CA HIS B 836 12.00 -9.82 -15.89
C HIS B 836 12.00 -11.27 -15.40
N GLN B 837 12.64 -11.55 -14.27
CA GLN B 837 12.79 -12.93 -13.80
C GLN B 837 11.72 -13.33 -12.79
N THR B 838 10.73 -12.49 -12.55
CA THR B 838 9.66 -12.79 -11.60
C THR B 838 8.42 -13.29 -12.34
N SER B 839 7.38 -13.59 -11.58
CA SER B 839 6.09 -14.01 -12.14
C SER B 839 5.10 -12.86 -12.28
N ASP B 840 5.42 -11.68 -11.75
CA ASP B 840 4.55 -10.53 -11.91
C ASP B 840 4.60 -9.95 -13.31
N TYR B 841 5.73 -10.14 -14.00
CA TYR B 841 5.90 -9.57 -15.34
C TYR B 841 4.87 -10.13 -16.32
N GLN B 842 4.68 -11.45 -16.29
CA GLN B 842 3.72 -12.07 -17.21
C GLN B 842 2.30 -11.60 -16.91
N SER B 843 1.94 -11.49 -15.63
CA SER B 843 0.61 -11.00 -15.26
C SER B 843 0.40 -9.57 -15.72
N ALA B 844 1.41 -8.72 -15.56
CA ALA B 844 1.29 -7.33 -16.01
C ALA B 844 1.13 -7.26 -17.52
N VAL B 845 1.91 -8.05 -18.26
CA VAL B 845 1.80 -8.04 -19.72
C VAL B 845 0.42 -8.53 -20.15
N ARG B 846 -0.08 -9.58 -19.51
CA ARG B 846 -1.40 -10.10 -19.86
C ARG B 846 -2.50 -9.09 -19.56
N LYS B 847 -2.39 -8.39 -18.43
CA LYS B 847 -3.37 -7.35 -18.11
C LYS B 847 -3.32 -6.22 -19.14
N TYR B 848 -2.12 -5.81 -19.54
CA TYR B 848 -2.00 -4.76 -20.56
C TYR B 848 -2.64 -5.19 -21.87
N ILE B 849 -2.38 -6.44 -22.29
CA ILE B 849 -2.96 -6.93 -23.55
C ILE B 849 -4.48 -6.98 -23.46
N GLU B 850 -5.01 -7.49 -22.35
CA GLU B 850 -6.45 -7.58 -22.19
C GLU B 850 -7.11 -6.20 -22.19
N GLN B 851 -6.49 -5.24 -21.49
CA GLN B 851 -7.04 -3.89 -21.47
C GLN B 851 -7.00 -3.24 -22.85
N ALA B 852 -5.89 -3.44 -23.58
CA ALA B 852 -5.79 -2.86 -24.91
C ALA B 852 -6.81 -3.45 -25.87
N VAL B 853 -7.03 -4.76 -25.80
CA VAL B 853 -7.98 -5.40 -26.69
C VAL B 853 -9.41 -5.02 -26.34
N GLY B 854 -9.73 -4.96 -25.05
CA GLY B 854 -11.11 -4.75 -24.64
C GLY B 854 -11.66 -3.39 -25.03
N ARG B 855 -10.82 -2.36 -24.99
CA ARG B 855 -11.29 -0.99 -25.25
C ARG B 855 -11.75 -0.80 -26.69
N ALA B 856 -11.32 -1.64 -27.61
CA ALA B 856 -11.70 -1.52 -29.02
C ALA B 856 -12.99 -2.30 -29.24
N GLY B 857 -14.08 -1.58 -29.50
CA GLY B 857 -15.37 -2.19 -29.70
C GLY B 857 -16.37 -1.88 -28.62
N ARG B 858 -17.31 -0.96 -28.91
CA ARG B 858 -18.32 -0.55 -27.95
C ARG B 858 -19.73 -0.52 -28.54
N THR B 859 -19.90 -0.92 -29.79
CA THR B 859 -21.18 -0.83 -30.48
C THR B 859 -21.68 -2.23 -30.81
N SER B 860 -22.80 -2.29 -31.53
CA SER B 860 -23.41 -3.54 -31.95
C SER B 860 -23.24 -3.81 -33.43
N LEU B 861 -22.55 -2.94 -34.17
CA LEU B 861 -22.35 -3.11 -35.61
C LEU B 861 -20.94 -3.64 -35.83
N LYS B 862 -20.82 -4.96 -35.92
CA LYS B 862 -19.55 -5.63 -36.17
C LYS B 862 -19.47 -6.10 -37.61
N ARG B 863 -18.27 -6.01 -38.18
CA ARG B 863 -18.04 -6.47 -39.53
C ARG B 863 -18.05 -8.01 -39.58
N LYS B 864 -18.14 -8.55 -40.79
CA LYS B 864 -18.15 -10.01 -40.93
C LYS B 864 -16.83 -10.62 -40.48
N GLN B 865 -15.72 -9.92 -40.69
CA GLN B 865 -14.40 -10.43 -40.33
C GLN B 865 -13.65 -9.36 -39.55
N ILE B 866 -12.94 -9.80 -38.51
CA ILE B 866 -12.05 -8.95 -37.72
C ILE B 866 -10.69 -9.60 -37.67
N LEU B 867 -9.65 -8.83 -37.97
CA LEU B 867 -8.28 -9.34 -38.05
C LEU B 867 -7.47 -8.83 -36.85
N LEU B 868 -6.72 -9.73 -36.23
CA LEU B 868 -5.90 -9.41 -35.08
C LEU B 868 -4.46 -9.83 -35.37
N PHE B 869 -3.51 -8.92 -35.19
CA PHE B 869 -2.10 -9.18 -35.44
C PHE B 869 -1.32 -9.02 -34.16
N VAL B 870 -0.51 -10.02 -33.82
CA VAL B 870 0.20 -10.05 -32.54
C VAL B 870 1.68 -10.28 -32.79
N ASP B 871 2.51 -9.66 -31.97
CA ASP B 871 3.96 -9.84 -32.05
C ASP B 871 4.34 -11.28 -31.73
N SER B 872 5.47 -11.72 -32.29
CA SER B 872 5.94 -13.08 -32.08
C SER B 872 6.50 -13.31 -30.69
N GLY B 873 6.80 -12.26 -29.93
CA GLY B 873 7.32 -12.44 -28.59
C GLY B 873 6.28 -12.68 -27.52
N LEU B 874 5.00 -12.57 -27.86
CA LEU B 874 3.91 -12.74 -26.90
C LEU B 874 3.38 -14.16 -26.85
N LYS B 875 3.85 -15.05 -27.71
CA LYS B 875 3.27 -16.40 -27.79
C LYS B 875 3.47 -17.16 -26.49
N GLU B 876 4.70 -17.15 -25.96
CA GLU B 876 4.98 -17.88 -24.74
C GLU B 876 4.20 -17.32 -23.55
N ILE B 877 4.11 -15.99 -23.46
CA ILE B 877 3.43 -15.37 -22.33
C ILE B 877 1.94 -15.65 -22.38
N LEU B 878 1.31 -15.47 -23.54
CA LEU B 878 -0.12 -15.74 -23.67
C LEU B 878 -0.46 -17.22 -23.69
N ALA B 879 0.52 -18.10 -23.83
CA ALA B 879 0.25 -19.53 -23.79
C ALA B 879 0.21 -20.09 -22.38
N GLU B 880 0.46 -19.28 -21.35
CA GLU B 880 0.51 -19.74 -19.98
C GLU B 880 -0.61 -19.13 -19.13
N GLU B 881 -1.81 -19.02 -19.69
CA GLU B 881 -2.98 -18.51 -18.99
C GLU B 881 -3.89 -19.68 -18.65
N SER B 882 -4.22 -19.82 -17.35
CA SER B 882 -4.98 -20.97 -16.90
C SER B 882 -6.06 -20.58 -15.89
N ARG B 883 -6.63 -19.39 -16.00
CA ARG B 883 -7.76 -19.01 -15.18
C ARG B 883 -9.06 -19.51 -15.80
N ASP B 884 -10.18 -19.16 -15.19
CA ASP B 884 -11.36 -19.69 -15.85
C ASP B 884 -11.99 -18.67 -16.79
N PRO B 885 -12.42 -19.09 -17.98
CA PRO B 885 -13.00 -18.15 -18.97
C PRO B 885 -14.51 -17.97 -18.79
N SER B 886 -14.88 -17.24 -17.74
CA SER B 886 -16.28 -16.91 -17.47
C SER B 886 -16.61 -15.46 -17.76
N LEU B 887 -15.73 -14.52 -17.39
CA LEU B 887 -15.91 -13.10 -17.67
C LEU B 887 -14.95 -12.59 -18.73
N PHE B 888 -14.34 -13.49 -19.50
CA PHE B 888 -13.39 -13.09 -20.52
C PHE B 888 -14.10 -12.45 -21.72
N SER B 889 -13.43 -11.48 -22.33
CA SER B 889 -13.93 -10.88 -23.56
C SER B 889 -13.80 -11.85 -24.72
N HIS B 890 -14.60 -11.62 -25.76
CA HIS B 890 -14.67 -12.55 -26.89
C HIS B 890 -13.38 -12.58 -27.71
N GLU B 891 -12.51 -11.59 -27.56
CA GLU B 891 -11.28 -11.54 -28.34
C GLU B 891 -10.05 -12.01 -27.57
N TYR B 892 -10.04 -11.83 -26.25
CA TYR B 892 -8.91 -12.31 -25.45
C TYR B 892 -8.87 -13.84 -25.41
N VAL B 893 -10.05 -14.46 -25.31
CA VAL B 893 -10.12 -15.92 -25.29
C VAL B 893 -9.64 -16.49 -26.62
N ALA B 894 -9.92 -15.79 -27.72
CA ALA B 894 -9.43 -16.23 -29.02
C ALA B 894 -7.91 -16.21 -29.06
N LEU B 895 -7.29 -15.15 -28.53
CA LEU B 895 -5.83 -15.09 -28.46
C LEU B 895 -5.27 -16.23 -27.63
N VAL B 896 -5.87 -16.49 -26.47
CA VAL B 896 -5.39 -17.56 -25.60
C VAL B 896 -5.49 -18.90 -26.29
N ASN B 897 -6.64 -19.17 -26.93
CA ASN B 897 -6.85 -20.45 -27.60
C ASN B 897 -5.88 -20.64 -28.75
N LYS B 898 -5.66 -19.59 -29.56
CA LYS B 898 -4.72 -19.71 -30.67
C LYS B 898 -3.30 -19.93 -30.17
N ALA B 899 -2.90 -19.22 -29.10
CA ALA B 899 -1.54 -19.36 -28.60
C ALA B 899 -1.32 -20.71 -27.93
N LYS B 900 -2.36 -21.31 -27.34
CA LYS B 900 -2.19 -22.55 -26.61
C LYS B 900 -2.01 -23.77 -27.51
N SER B 901 -2.27 -23.64 -28.82
CA SER B 901 -2.20 -24.79 -29.71
C SER B 901 -0.78 -25.15 -30.13
N ALA B 902 0.22 -24.34 -29.77
CA ALA B 902 1.60 -24.57 -30.20
C ALA B 902 2.24 -25.60 -29.27
N GLY B 903 1.88 -26.87 -29.50
CA GLY B 903 2.49 -27.95 -28.73
C GLY B 903 2.00 -28.00 -27.29
N LYS B 904 2.78 -28.70 -26.48
CA LYS B 904 2.50 -28.86 -25.05
C LYS B 904 3.54 -28.09 -24.25
N SER B 905 3.08 -27.35 -23.25
CA SER B 905 3.94 -26.49 -22.45
C SER B 905 3.96 -26.95 -21.01
N ILE B 906 5.14 -26.91 -20.39
CA ILE B 906 5.31 -27.25 -18.99
C ILE B 906 5.15 -26.00 -18.14
N VAL B 907 4.25 -26.04 -17.16
CA VAL B 907 3.94 -24.91 -16.31
C VAL B 907 4.37 -25.24 -14.89
N GLU B 908 5.18 -24.36 -14.30
CA GLU B 908 5.64 -24.52 -12.92
C GLU B 908 4.76 -23.69 -11.99
N ASP B 909 4.27 -24.33 -10.93
CA ASP B 909 3.35 -23.67 -10.03
C ASP B 909 4.08 -22.60 -9.22
N ARG B 910 3.40 -21.46 -9.01
CA ARG B 910 3.93 -20.39 -8.17
C ARG B 910 3.84 -20.74 -6.69
N ALA B 911 2.98 -21.70 -6.32
CA ALA B 911 2.74 -21.99 -4.92
C ALA B 911 4.01 -22.48 -4.23
N VAL B 912 4.71 -23.43 -4.85
CA VAL B 912 5.87 -24.04 -4.19
C VAL B 912 6.94 -22.99 -3.92
N ARG B 913 7.21 -22.14 -4.91
CA ARG B 913 8.18 -21.06 -4.73
C ARG B 913 7.72 -20.09 -3.64
N ARG B 914 6.43 -19.76 -3.63
CA ARG B 914 5.93 -18.85 -2.60
C ARG B 914 6.12 -19.43 -1.20
N LEU B 915 5.77 -20.70 -1.01
CA LEU B 915 5.96 -21.33 0.30
C LEU B 915 7.43 -21.37 0.71
N PHE B 916 8.33 -21.71 -0.22
CA PHE B 916 9.75 -21.73 0.13
C PHE B 916 10.25 -20.35 0.54
N ASN B 917 9.92 -19.33 -0.25
CA ASN B 917 10.39 -17.98 0.04
C ASN B 917 9.80 -17.47 1.36
N LEU B 918 8.52 -17.75 1.60
CA LEU B 918 7.89 -17.29 2.83
C LEU B 918 8.47 -18.01 4.04
N ALA B 919 8.78 -19.30 3.92
CA ALA B 919 9.44 -19.99 5.02
C ALA B 919 10.79 -19.36 5.33
N GLN B 920 11.59 -19.07 4.30
CA GLN B 920 12.87 -18.42 4.52
C GLN B 920 12.70 -17.08 5.22
N ARG B 921 11.76 -16.26 4.73
CA ARG B 921 11.58 -14.93 5.29
C ARG B 921 11.10 -15.00 6.73
N ASN B 922 10.18 -15.91 7.04
CA ASN B 922 9.70 -16.05 8.41
C ASN B 922 10.82 -16.50 9.34
N ASN B 923 11.65 -17.44 8.89
CA ASN B 923 12.77 -17.88 9.73
C ASN B 923 13.75 -16.75 9.98
N LYS B 924 14.07 -15.97 8.94
CA LYS B 924 15.01 -14.86 9.11
C LYS B 924 14.47 -13.81 10.07
N ASP B 925 13.19 -13.43 9.89
CA ASP B 925 12.59 -12.44 10.77
C ASP B 925 12.54 -12.93 12.21
N GLY B 926 12.18 -14.20 12.41
CA GLY B 926 12.19 -14.76 13.75
C GLY B 926 13.56 -14.70 14.39
N MET B 927 14.58 -15.12 13.65
CA MET B 927 15.94 -15.09 14.19
C MET B 927 16.32 -13.67 14.63
N LEU B 928 16.13 -12.69 13.74
CA LEU B 928 16.56 -11.33 14.09
C LEU B 928 15.76 -10.76 15.24
N SER B 929 14.43 -10.98 15.25
CA SER B 929 13.61 -10.44 16.33
C SER B 929 13.95 -11.07 17.67
N ILE B 930 14.16 -12.39 17.71
CA ILE B 930 14.53 -13.04 18.96
C ILE B 930 15.87 -12.55 19.45
N LYS B 931 16.84 -12.38 18.55
CA LYS B 931 18.14 -11.87 18.98
C LYS B 931 18.02 -10.46 19.56
N ALA B 932 17.23 -9.60 18.91
CA ALA B 932 17.03 -8.25 19.42
C ALA B 932 16.36 -8.25 20.78
N LEU B 933 15.33 -9.08 20.95
CA LEU B 933 14.63 -9.14 22.23
C LEU B 933 15.53 -9.67 23.34
N VAL B 934 16.33 -10.69 23.05
CA VAL B 934 17.24 -11.23 24.05
C VAL B 934 18.28 -10.19 24.44
N HIS B 935 18.79 -9.44 23.45
CA HIS B 935 19.74 -8.36 23.77
C HIS B 935 19.09 -7.30 24.64
N ARG B 936 17.83 -6.95 24.35
CA ARG B 936 17.13 -5.95 25.15
C ARG B 936 16.90 -6.43 26.58
N LEU B 937 16.66 -7.74 26.76
CA LEU B 937 16.38 -8.26 28.09
C LEU B 937 17.59 -8.23 29.02
N HIS B 938 18.80 -8.03 28.49
CA HIS B 938 20.02 -8.13 29.28
C HIS B 938 20.56 -6.78 29.71
N ASN B 939 19.80 -5.70 29.54
CA ASN B 939 20.21 -4.36 29.96
C ASN B 939 19.40 -3.97 31.18
N GLN B 940 20.01 -4.08 32.36
CA GLN B 940 19.32 -3.73 33.60
C GLN B 940 19.13 -2.22 33.68
N PRO B 941 17.96 -1.75 34.15
CA PRO B 941 16.77 -2.53 34.52
C PRO B 941 15.98 -3.00 33.30
N ALA B 942 15.33 -4.14 33.38
CA ALA B 942 14.52 -4.64 32.27
C ALA B 942 13.15 -3.97 32.28
N SER B 943 12.68 -3.61 31.09
CA SER B 943 11.37 -2.98 30.97
C SER B 943 10.26 -3.99 31.24
N LYS B 944 9.10 -3.47 31.65
CA LYS B 944 7.95 -4.31 31.94
C LYS B 944 7.41 -4.96 30.68
N SER B 945 7.40 -4.20 29.57
CA SER B 945 6.86 -4.70 28.31
C SER B 945 7.67 -5.87 27.78
N ASP B 946 9.00 -5.85 27.97
CA ASP B 946 9.83 -6.96 27.49
C ASP B 946 9.49 -8.26 28.23
N ILE B 947 9.30 -8.17 29.55
CA ILE B 947 8.93 -9.36 30.32
C ILE B 947 7.57 -9.87 29.87
N GLN B 948 6.61 -8.96 29.67
CA GLN B 948 5.30 -9.40 29.20
C GLN B 948 5.40 -10.06 27.83
N GLU B 949 6.21 -9.49 26.93
CA GLU B 949 6.39 -10.08 25.60
C GLU B 949 6.96 -11.49 25.69
N TRP B 950 8.01 -11.66 26.49
CA TRP B 950 8.64 -12.97 26.61
C TRP B 950 7.68 -14.00 27.19
N GLN B 951 6.94 -13.63 28.24
CA GLN B 951 6.00 -14.55 28.85
C GLN B 951 4.87 -14.91 27.90
N ASP B 952 4.34 -13.94 27.16
CA ASP B 952 3.28 -14.23 26.21
C ASP B 952 3.75 -15.15 25.10
N ILE B 953 4.96 -14.92 24.58
CA ILE B 953 5.49 -15.79 23.53
C ILE B 953 5.63 -17.22 24.05
N ARG B 954 6.21 -17.37 25.25
CA ARG B 954 6.41 -18.71 25.79
C ARG B 954 5.08 -19.41 26.05
N THR B 955 4.11 -18.70 26.61
CA THR B 955 2.81 -19.31 26.90
C THR B 955 2.09 -19.70 25.62
N GLN B 956 2.15 -18.85 24.59
CA GLN B 956 1.50 -19.18 23.33
C GLN B 956 2.14 -20.39 22.67
N LEU B 957 3.47 -20.48 22.71
CA LEU B 957 4.13 -21.65 22.13
C LEU B 957 3.87 -22.91 22.94
N LEU B 958 3.70 -22.78 24.25
CA LEU B 958 3.42 -23.96 25.07
C LEU B 958 2.00 -24.47 24.85
N ARG B 959 1.02 -23.56 24.84
CA ARG B 959 -0.38 -23.98 24.77
C ARG B 959 -0.74 -24.50 23.39
N TYR B 960 -0.35 -23.78 22.34
CA TYR B 960 -0.70 -24.13 20.96
C TYR B 960 0.56 -24.34 20.14
N PRO B 961 1.02 -25.59 19.97
CA PRO B 961 2.18 -25.85 19.11
C PRO B 961 1.84 -26.05 17.64
N THR B 962 0.55 -26.12 17.29
CA THR B 962 0.13 -26.31 15.92
C THR B 962 -1.30 -25.82 15.78
N VAL B 963 -1.51 -24.78 14.97
CA VAL B 963 -2.80 -24.14 14.84
C VAL B 963 -3.44 -24.57 13.52
N ALA B 964 -4.74 -24.91 13.57
CA ALA B 964 -5.43 -25.37 12.36
C ALA B 964 -5.66 -24.23 11.39
N PHE B 965 -6.15 -23.09 11.89
CA PHE B 965 -6.44 -21.94 11.04
C PHE B 965 -5.26 -20.97 11.04
N GLN B 966 -5.28 -20.08 10.07
CA GLN B 966 -4.22 -19.09 9.93
C GLN B 966 -4.25 -18.13 11.12
N PRO B 967 -3.15 -17.99 11.86
CA PRO B 967 -3.16 -17.06 13.00
C PRO B 967 -3.23 -15.62 12.55
N GLU B 968 -3.74 -14.77 13.43
CA GLU B 968 -3.89 -13.34 13.15
C GLU B 968 -3.02 -12.46 14.05
N ARG B 969 -2.92 -12.78 15.34
CA ARG B 969 -2.13 -11.96 16.26
C ARG B 969 -0.68 -12.42 16.31
N PHE B 970 -0.45 -13.68 16.67
CA PHE B 970 0.90 -14.25 16.67
C PHE B 970 1.21 -14.74 15.27
N ASN B 971 1.53 -13.79 14.40
CA ASN B 971 1.61 -14.07 12.96
C ASN B 971 2.90 -14.78 12.59
N ARG B 972 4.04 -14.13 12.83
CA ARG B 972 5.33 -14.63 12.33
C ARG B 972 6.02 -15.52 13.36
N LEU B 973 5.30 -16.55 13.78
CA LEU B 973 5.86 -17.63 14.59
C LEU B 973 5.71 -18.99 13.92
N TYR B 974 4.99 -19.07 12.81
CA TYR B 974 4.64 -20.34 12.18
C TYR B 974 4.99 -20.28 10.70
N LEU B 975 5.19 -21.47 10.11
CA LEU B 975 5.40 -21.59 8.68
C LEU B 975 4.49 -22.68 8.13
N GLN B 976 4.03 -22.47 6.90
CA GLN B 976 3.18 -23.46 6.24
C GLN B 976 4.03 -24.53 5.57
N SER B 977 3.70 -25.78 5.84
CA SER B 977 4.46 -26.92 5.32
C SER B 977 3.54 -27.84 4.53
N MET B 978 4.12 -28.47 3.49
CA MET B 978 3.35 -29.42 2.69
C MET B 978 2.93 -30.62 3.54
N THR B 979 3.83 -31.13 4.37
CA THR B 979 3.51 -32.19 5.30
C THR B 979 2.94 -31.59 6.58
N LYS B 980 1.99 -32.30 7.18
CA LYS B 980 1.29 -31.82 8.37
C LYS B 980 1.90 -32.44 9.61
N GLY B 981 2.40 -31.60 10.51
CA GLY B 981 2.94 -32.02 11.78
C GLY B 981 4.46 -32.05 11.84
N TYR B 982 5.15 -32.11 10.70
CA TYR B 982 6.59 -32.25 10.73
C TYR B 982 7.18 -31.75 9.41
N TYR B 983 8.47 -31.41 9.45
CA TYR B 983 9.19 -30.98 8.26
C TYR B 983 10.69 -31.11 8.51
N ARG B 984 11.45 -31.05 7.42
CA ARG B 984 12.91 -31.15 7.45
C ARG B 984 13.56 -29.86 6.99
N TYR B 985 14.77 -29.59 7.50
CA TYR B 985 15.50 -28.39 7.15
C TYR B 985 17.00 -28.69 7.21
N GLN B 986 17.80 -27.69 6.85
CA GLN B 986 19.25 -27.83 6.89
C GLN B 986 19.86 -26.43 6.98
N GLY B 987 20.47 -26.12 8.11
CA GLY B 987 21.11 -24.83 8.29
C GLY B 987 21.78 -24.76 9.65
N ASN B 988 22.56 -23.69 9.83
CA ASN B 988 23.27 -23.43 11.07
C ASN B 988 22.72 -22.14 11.69
N LEU B 989 22.32 -22.21 12.95
CA LEU B 989 21.73 -21.05 13.61
C LEU B 989 22.78 -20.20 14.31
N ASP B 990 23.88 -19.93 13.60
CA ASP B 990 24.95 -19.08 14.08
C ASP B 990 25.51 -18.16 13.01
N GLY B 991 24.98 -18.18 11.80
CA GLY B 991 25.57 -17.44 10.70
C GLY B 991 24.57 -16.72 9.83
N ASP B 992 24.64 -16.97 8.53
CA ASP B 992 23.86 -16.20 7.56
C ASP B 992 22.43 -16.71 7.55
N PRO B 993 21.43 -15.87 7.86
CA PRO B 993 20.04 -16.36 7.85
C PRO B 993 19.54 -16.77 6.48
N ASN B 994 19.98 -16.13 5.40
CA ASN B 994 19.48 -16.49 4.07
C ASN B 994 20.36 -17.53 3.39
N SER B 995 20.65 -18.61 4.14
CA SER B 995 21.40 -19.74 3.61
C SER B 995 20.77 -21.06 4.06
N PHE B 996 19.45 -21.08 4.21
CA PHE B 996 18.71 -22.23 4.70
C PHE B 996 18.04 -22.96 3.56
N GLU B 997 17.83 -24.26 3.75
CA GLU B 997 17.15 -25.11 2.79
C GLU B 997 16.02 -25.83 3.50
N PHE B 998 14.90 -26.01 2.80
CA PHE B 998 13.69 -26.54 3.42
C PHE B 998 13.07 -27.64 2.58
N PHE B 999 12.39 -28.56 3.27
CA PHE B 999 11.47 -29.51 2.65
C PHE B 999 12.16 -30.49 1.69
N ASP B 1000 11.60 -30.64 0.48
CA ASP B 1000 12.03 -31.72 -0.41
C ASP B 1000 13.48 -31.54 -0.89
N ARG B 1001 13.95 -30.29 -0.95
CA ARG B 1001 15.30 -30.02 -1.44
C ARG B 1001 16.38 -30.65 -0.56
N VAL B 1002 16.10 -30.91 0.71
CA VAL B 1002 17.02 -31.67 1.55
C VAL B 1002 16.28 -32.87 2.16
N PRO B 1003 16.61 -34.09 1.74
CA PRO B 1003 15.98 -35.29 2.32
C PRO B 1003 16.78 -35.96 3.42
N TYR B 1004 17.97 -35.46 3.74
CA TYR B 1004 18.85 -36.05 4.75
C TYR B 1004 19.25 -35.02 5.79
N GLY B 1005 18.34 -34.12 6.14
CA GLY B 1005 18.59 -33.08 7.09
C GLY B 1005 17.94 -33.32 8.44
N ASP B 1006 18.04 -32.31 9.31
CA ASP B 1006 17.47 -32.42 10.64
C ASP B 1006 15.94 -32.42 10.59
N MET B 1007 15.34 -32.86 11.68
CA MET B 1007 13.92 -33.15 11.71
C MET B 1007 13.26 -32.38 12.86
N VAL B 1008 12.12 -31.77 12.58
CA VAL B 1008 11.33 -31.07 13.59
C VAL B 1008 9.98 -31.77 13.69
N SER B 1009 9.77 -32.48 14.80
CA SER B 1009 8.55 -33.24 15.00
C SER B 1009 8.37 -33.49 16.49
N GLU B 1010 7.31 -34.23 16.84
CA GLU B 1010 7.04 -34.53 18.24
C GLU B 1010 7.97 -35.60 18.79
N GLU B 1011 8.40 -36.55 17.96
CA GLU B 1011 9.26 -37.64 18.41
C GLU B 1011 10.67 -37.18 18.77
N ASP B 1012 11.05 -35.95 18.41
CA ASP B 1012 12.39 -35.46 18.69
C ASP B 1012 12.48 -34.67 19.99
N CYS B 1013 11.37 -34.08 20.44
CA CYS B 1013 11.37 -33.32 21.70
C CYS B 1013 11.08 -34.18 22.90
N SER B 1014 10.77 -35.47 22.72
CA SER B 1014 10.52 -36.41 23.81
C SER B 1014 9.40 -35.92 24.72
N LEU B 1015 8.20 -35.82 24.14
CA LEU B 1015 7.05 -35.36 24.90
C LEU B 1015 6.32 -36.49 25.63
N ALA B 1016 6.12 -37.63 24.96
CA ALA B 1016 5.37 -38.72 25.59
C ALA B 1016 6.07 -39.23 26.84
N THR B 1017 7.39 -39.40 26.78
CA THR B 1017 8.13 -39.91 27.92
C THR B 1017 8.01 -38.97 29.12
N LEU B 1018 8.09 -37.67 28.88
CA LEU B 1018 7.86 -36.69 29.94
C LEU B 1018 6.43 -36.77 30.47
N VAL B 1019 5.44 -36.86 29.58
CA VAL B 1019 4.05 -36.79 30.01
C VAL B 1019 3.67 -38.01 30.85
N GLN B 1020 4.31 -39.16 30.63
CA GLN B 1020 3.92 -40.35 31.39
C GLN B 1020 4.21 -40.23 32.88
N ASN B 1021 4.99 -39.25 33.32
CA ASN B 1021 5.27 -39.11 34.76
C ASN B 1021 4.00 -38.80 35.53
N GLN B 1022 3.89 -39.37 36.73
CA GLN B 1022 2.72 -39.15 37.57
C GLN B 1022 2.77 -37.84 38.33
N TYR B 1023 3.94 -37.20 38.42
CA TYR B 1023 4.07 -35.92 39.10
C TYR B 1023 3.97 -34.74 38.15
N VAL B 1024 3.93 -34.97 36.84
CA VAL B 1024 3.97 -33.92 35.84
C VAL B 1024 2.64 -33.78 35.11
N ARG B 1025 1.97 -34.90 34.82
CA ARG B 1025 0.71 -34.84 34.10
C ARG B 1025 -0.34 -33.98 34.79
N PRO B 1026 -0.60 -34.11 36.10
CA PRO B 1026 -1.59 -33.23 36.73
C PRO B 1026 -1.27 -31.75 36.59
N TRP B 1027 0.01 -31.39 36.64
CA TRP B 1027 0.39 -30.00 36.41
C TRP B 1027 0.01 -29.54 35.02
N PHE B 1028 0.26 -30.38 34.01
CA PHE B 1028 -0.08 -30.03 32.63
C PHE B 1028 -1.59 -29.90 32.45
N GLU B 1029 -2.37 -30.79 33.06
CA GLU B 1029 -3.82 -30.65 32.99
C GLU B 1029 -4.30 -29.39 33.70
N ARG B 1030 -3.70 -29.07 34.84
CA ARG B 1030 -4.11 -27.89 35.60
C ARG B 1030 -3.84 -26.60 34.82
N LYS B 1031 -2.66 -26.50 34.20
CA LYS B 1031 -2.31 -25.28 33.48
C LYS B 1031 -2.77 -25.28 32.03
N GLY B 1032 -3.32 -26.39 31.53
CA GLY B 1032 -3.89 -26.40 30.20
C GLY B 1032 -2.90 -26.50 29.07
N PHE B 1033 -1.66 -26.91 29.34
CA PHE B 1033 -0.69 -27.07 28.27
C PHE B 1033 -1.03 -28.28 27.40
N ALA B 1034 -0.38 -28.36 26.25
CA ALA B 1034 -0.65 -29.44 25.30
C ALA B 1034 0.15 -30.68 25.68
N CYS B 1035 -0.53 -31.83 25.72
CA CYS B 1035 0.12 -33.10 25.99
C CYS B 1035 0.50 -33.85 24.71
N SER B 1036 0.11 -33.34 23.55
CA SER B 1036 0.45 -33.96 22.28
C SER B 1036 0.34 -32.91 21.17
N TRP B 1037 0.95 -33.23 20.03
CA TRP B 1037 0.96 -32.33 18.89
C TRP B 1037 -0.16 -32.69 17.93
N GLN B 1038 -0.94 -31.68 17.53
CA GLN B 1038 -1.97 -31.88 16.54
C GLN B 1038 -1.35 -31.97 15.14
N LYS B 1039 -2.13 -32.50 14.20
CA LYS B 1039 -1.67 -32.73 12.83
C LYS B 1039 -2.34 -31.69 11.93
N GLU B 1040 -1.69 -30.53 11.80
CA GLU B 1040 -2.13 -29.48 10.89
C GLU B 1040 -0.90 -28.84 10.26
N ALA B 1041 -1.12 -28.16 9.14
CA ALA B 1041 -0.03 -27.62 8.34
C ALA B 1041 0.37 -26.21 8.78
N ASN B 1042 0.61 -26.05 10.08
CA ASN B 1042 1.10 -24.79 10.65
C ASN B 1042 1.96 -25.16 11.86
N VAL B 1043 3.28 -25.18 11.67
CA VAL B 1043 4.22 -25.61 12.69
C VAL B 1043 5.18 -24.45 12.96
N MET B 1044 5.77 -24.47 14.16
CA MET B 1044 6.73 -23.43 14.54
C MET B 1044 7.99 -23.51 13.68
N THR B 1045 8.66 -22.36 13.53
CA THR B 1045 9.87 -22.27 12.74
C THR B 1045 11.02 -22.97 13.45
N PRO B 1046 12.07 -23.35 12.71
CA PRO B 1046 13.21 -24.03 13.34
C PRO B 1046 13.87 -23.22 14.44
N ILE B 1047 13.84 -21.89 14.36
CA ILE B 1047 14.48 -21.07 15.39
C ILE B 1047 13.75 -21.22 16.72
N MET B 1048 12.42 -21.38 16.68
CA MET B 1048 11.64 -21.47 17.90
C MET B 1048 11.62 -22.86 18.51
N PHE B 1049 12.02 -23.88 17.76
CA PHE B 1049 12.00 -25.25 18.26
C PHE B 1049 13.22 -25.57 19.12
N THR B 1050 14.28 -24.77 19.05
CA THR B 1050 15.53 -25.07 19.75
C THR B 1050 15.82 -24.13 20.90
N ASN B 1051 15.42 -22.86 20.80
CA ASN B 1051 15.77 -21.86 21.80
C ASN B 1051 14.60 -21.42 22.68
N ILE B 1052 13.38 -21.89 22.40
CA ILE B 1052 12.23 -21.46 23.20
C ILE B 1052 11.49 -22.66 23.77
N TYR B 1053 11.10 -23.59 22.91
CA TYR B 1053 10.23 -24.68 23.34
C TYR B 1053 10.93 -25.61 24.33
N LYS B 1054 12.18 -25.98 24.05
CA LYS B 1054 12.88 -26.93 24.89
C LYS B 1054 13.03 -26.40 26.31
N GLY B 1055 13.40 -25.12 26.44
CA GLY B 1055 13.61 -24.55 27.76
C GLY B 1055 12.36 -24.58 28.61
N ALA B 1056 11.24 -24.10 28.06
CA ALA B 1056 9.99 -24.10 28.83
C ALA B 1056 9.54 -25.50 29.16
N LEU B 1057 9.65 -26.42 28.19
CA LEU B 1057 9.22 -27.80 28.40
C LEU B 1057 10.01 -28.44 29.54
N GLY B 1058 11.29 -28.13 29.65
CA GLY B 1058 12.07 -28.63 30.78
C GLY B 1058 11.81 -27.92 32.09
N GLU B 1059 11.64 -26.60 32.03
CA GLU B 1059 11.44 -25.80 33.24
C GLU B 1059 10.19 -26.22 33.98
N GLN B 1060 9.06 -26.29 33.28
CA GLN B 1060 7.84 -26.66 33.97
C GLN B 1060 7.89 -28.09 34.50
N ALA B 1061 8.55 -28.99 33.78
CA ALA B 1061 8.68 -30.37 34.26
C ALA B 1061 9.46 -30.43 35.57
N VAL B 1062 10.63 -29.77 35.62
CA VAL B 1062 11.43 -29.85 36.83
C VAL B 1062 10.73 -29.13 37.98
N GLU B 1063 10.04 -28.02 37.71
CA GLU B 1063 9.33 -27.33 38.78
C GLU B 1063 8.20 -28.18 39.34
N ALA B 1064 7.44 -28.84 38.46
CA ALA B 1064 6.35 -29.69 38.92
C ALA B 1064 6.87 -30.88 39.72
N VAL B 1065 7.99 -31.46 39.28
CA VAL B 1065 8.57 -32.57 40.02
C VAL B 1065 9.04 -32.13 41.40
N LEU B 1066 9.72 -30.97 41.48
CA LEU B 1066 10.34 -30.56 42.72
C LEU B 1066 9.37 -29.90 43.70
N THR B 1067 8.22 -29.41 43.23
CA THR B 1067 7.33 -28.66 44.12
C THR B 1067 6.65 -29.52 45.17
N ALA B 1068 6.61 -30.85 44.98
CA ALA B 1068 5.92 -31.70 45.92
C ALA B 1068 6.70 -31.87 47.22
N PHE B 1069 8.02 -31.93 47.13
CA PHE B 1069 8.88 -32.19 48.29
C PHE B 1069 9.23 -30.87 48.98
N ASP B 1070 8.19 -30.24 49.54
CA ASP B 1070 8.28 -29.01 50.34
C ASP B 1070 9.25 -28.00 49.72
N PHE B 1071 8.96 -27.61 48.49
CA PHE B 1071 9.72 -26.60 47.77
C PHE B 1071 8.77 -25.58 47.15
N THR B 1072 9.19 -24.32 47.15
CA THR B 1072 8.42 -23.23 46.57
C THR B 1072 9.31 -22.44 45.61
N PHE B 1073 8.67 -21.81 44.63
CA PHE B 1073 9.39 -21.10 43.59
C PHE B 1073 8.85 -19.68 43.45
N GLU B 1074 9.74 -18.76 43.05
CA GLU B 1074 9.40 -17.35 42.89
C GLU B 1074 9.96 -16.84 41.56
N GLU B 1075 9.95 -15.53 41.38
CA GLU B 1075 10.42 -14.91 40.14
C GLU B 1075 11.71 -14.13 40.39
N VAL B 1076 12.48 -13.97 39.33
CA VAL B 1076 13.76 -13.24 39.40
C VAL B 1076 13.49 -11.78 39.74
N PRO B 1077 14.24 -11.17 40.67
CA PRO B 1077 13.93 -9.79 41.08
C PRO B 1077 14.42 -8.74 40.10
N ASN B 1078 14.19 -8.96 38.81
CA ASN B 1078 14.25 -7.93 37.76
C ASN B 1078 15.67 -7.47 37.48
N SER B 1079 16.63 -7.86 38.32
CA SER B 1079 18.01 -7.40 38.15
C SER B 1079 18.87 -8.38 37.37
N ILE B 1080 18.63 -9.67 37.52
CA ILE B 1080 19.41 -10.71 36.84
C ILE B 1080 18.49 -11.54 35.97
N TYR B 1081 17.46 -10.91 35.42
CA TYR B 1081 16.47 -11.61 34.61
C TYR B 1081 17.11 -12.32 33.44
N GLU B 1082 16.64 -13.55 33.16
CA GLU B 1082 17.06 -14.41 32.07
C GLU B 1082 18.43 -15.02 32.34
N ARG B 1083 19.10 -14.60 33.42
CA ARG B 1083 20.35 -15.24 33.81
C ARG B 1083 20.12 -16.43 34.75
N PHE B 1084 18.91 -16.62 35.24
CA PHE B 1084 18.59 -17.75 36.10
C PHE B 1084 17.11 -18.07 35.95
N ASP B 1085 16.73 -19.27 36.39
CA ASP B 1085 15.38 -19.75 36.11
C ASP B 1085 14.36 -19.13 37.07
N ASN B 1086 14.43 -19.47 38.35
CA ASN B 1086 13.50 -19.01 39.37
C ASN B 1086 14.29 -18.60 40.61
N ARG B 1087 13.55 -18.38 41.70
CA ARG B 1087 14.11 -18.20 43.03
C ARG B 1087 13.46 -19.21 43.96
N VAL B 1088 14.27 -19.85 44.80
CA VAL B 1088 13.81 -20.93 45.67
C VAL B 1088 13.95 -20.50 47.13
N ILE B 1089 12.85 -20.61 47.87
CA ILE B 1089 12.84 -20.33 49.31
C ILE B 1089 12.19 -21.51 50.01
N PHE B 1090 12.66 -21.80 51.22
CA PHE B 1090 12.18 -22.97 51.96
C PHE B 1090 12.59 -22.85 53.43
N ALA B 1091 11.62 -23.05 54.32
CA ALA B 1091 11.84 -23.20 55.76
C ALA B 1091 12.48 -21.97 56.39
N GLY B 1092 12.38 -20.81 55.75
CA GLY B 1092 12.94 -19.59 56.30
C GLY B 1092 14.43 -19.66 56.58
N ILE B 1093 15.22 -19.90 55.53
CA ILE B 1093 16.66 -20.05 55.66
C ILE B 1093 17.34 -18.90 54.93
N GLU B 1094 18.49 -18.49 55.44
CA GLU B 1094 19.27 -17.44 54.81
C GLU B 1094 19.87 -17.94 53.51
N GLN B 1095 20.68 -17.08 52.86
CA GLN B 1095 21.33 -17.30 51.56
C GLN B 1095 20.34 -17.93 50.58
N PRO B 1096 19.37 -17.16 50.06
CA PRO B 1096 18.33 -17.75 49.22
C PRO B 1096 18.93 -18.47 48.02
N ILE B 1097 18.33 -19.60 47.67
CA ILE B 1097 18.88 -20.52 46.68
C ILE B 1097 18.31 -20.18 45.31
N TRP B 1098 19.22 -20.05 44.34
CA TRP B 1098 18.84 -19.80 42.95
C TRP B 1098 18.83 -21.12 42.19
N LEU B 1099 17.96 -21.21 41.19
CA LEU B 1099 17.79 -22.41 40.39
C LEU B 1099 18.06 -22.10 38.92
N ASP B 1100 18.71 -23.04 38.25
CA ASP B 1100 18.96 -22.96 36.81
C ASP B 1100 18.61 -24.33 36.24
N SER B 1101 17.82 -24.34 35.17
CA SER B 1101 17.31 -25.58 34.60
C SER B 1101 17.62 -25.65 33.11
N LYS B 1102 17.86 -26.87 32.64
CA LYS B 1102 18.04 -27.16 31.22
C LYS B 1102 17.20 -28.38 30.87
N TYR B 1103 16.77 -28.45 29.60
CA TYR B 1103 15.91 -29.55 29.18
C TYR B 1103 16.70 -30.85 29.05
N TRP B 1104 17.71 -30.87 28.20
CA TRP B 1104 18.48 -32.07 27.92
C TRP B 1104 19.97 -31.77 28.09
N LYS B 1105 20.79 -32.80 27.88
CA LYS B 1105 22.24 -32.70 28.07
C LYS B 1105 22.83 -31.95 26.88
N HIS B 1106 22.86 -30.62 26.98
CA HIS B 1106 23.39 -29.75 25.95
C HIS B 1106 24.74 -29.21 26.39
N GLU B 1107 25.73 -29.30 25.51
CA GLU B 1107 27.07 -28.78 25.75
C GLU B 1107 27.28 -27.57 24.84
N GLY B 1108 27.62 -26.43 25.45
CA GLY B 1108 27.82 -25.21 24.70
C GLY B 1108 29.17 -24.58 25.01
N ASN B 1109 29.54 -23.61 24.19
CA ASN B 1109 30.81 -22.90 24.35
C ASN B 1109 30.68 -21.76 25.36
N GLU B 1110 30.21 -22.09 26.56
CA GLU B 1110 30.05 -21.11 27.62
C GLU B 1110 31.14 -21.22 28.68
N SER B 1111 32.21 -21.98 28.42
CA SER B 1111 33.32 -22.12 29.35
C SER B 1111 34.16 -20.86 29.48
N SER B 1112 33.79 -19.79 28.80
CA SER B 1112 34.51 -18.53 28.86
C SER B 1112 34.15 -17.79 30.15
N GLU B 1113 34.53 -16.52 30.22
CA GLU B 1113 34.30 -15.72 31.43
C GLU B 1113 32.84 -15.37 31.66
N GLY B 1114 31.91 -15.88 30.85
CA GLY B 1114 30.50 -15.58 31.07
C GLY B 1114 29.98 -16.14 32.38
N TYR B 1115 30.28 -17.41 32.66
CA TYR B 1115 29.89 -17.99 33.94
C TYR B 1115 30.52 -17.27 35.12
N SER B 1116 31.81 -16.93 35.01
CA SER B 1116 32.47 -16.19 36.08
C SER B 1116 31.82 -14.83 36.30
N SER B 1117 31.48 -14.14 35.21
CA SER B 1117 30.80 -12.85 35.34
C SER B 1117 29.44 -13.00 36.01
N LYS B 1118 28.68 -14.03 35.63
CA LYS B 1118 27.36 -14.25 36.22
C LYS B 1118 27.48 -14.53 37.72
N ILE B 1119 28.39 -15.42 38.10
CA ILE B 1119 28.52 -15.79 39.51
C ILE B 1119 29.04 -14.60 40.31
N ALA B 1120 29.97 -13.82 39.75
CA ALA B 1120 30.47 -12.64 40.43
C ALA B 1120 29.38 -11.61 40.64
N LEU B 1121 28.56 -11.38 39.60
CA LEU B 1121 27.47 -10.41 39.73
C LEU B 1121 26.47 -10.85 40.79
N VAL B 1122 26.09 -12.14 40.78
CA VAL B 1122 25.13 -12.63 41.76
C VAL B 1122 25.70 -12.53 43.16
N GLU B 1123 26.97 -12.90 43.34
CA GLU B 1123 27.59 -12.83 44.66
C GLU B 1123 27.69 -11.39 45.16
N GLU B 1124 28.05 -10.46 44.27
CA GLU B 1124 28.15 -9.06 44.67
C GLU B 1124 26.79 -8.48 45.03
N GLU B 1125 25.76 -8.80 44.26
CA GLU B 1125 24.44 -8.20 44.50
C GLU B 1125 23.64 -8.92 45.59
N PHE B 1126 24.02 -10.13 45.99
CA PHE B 1126 23.22 -10.85 46.96
C PHE B 1126 24.06 -11.61 48.00
N GLY B 1127 25.37 -11.40 48.05
CA GLY B 1127 26.20 -12.08 49.01
C GLY B 1127 26.33 -13.56 48.69
N PRO B 1128 26.79 -14.35 49.67
CA PRO B 1128 26.87 -15.80 49.46
C PRO B 1128 25.50 -16.42 49.26
N SER B 1129 25.44 -17.45 48.42
CA SER B 1129 24.18 -18.11 48.11
C SER B 1129 24.48 -19.51 47.59
N LYS B 1130 23.41 -20.27 47.37
CA LYS B 1130 23.50 -21.63 46.85
C LYS B 1130 22.83 -21.69 45.49
N PHE B 1131 23.34 -22.57 44.62
CA PHE B 1131 22.88 -22.68 43.25
C PHE B 1131 22.65 -24.14 42.90
N ILE B 1132 21.61 -24.38 42.10
CA ILE B 1132 21.21 -25.73 41.71
C ILE B 1132 21.16 -25.79 40.19
N TYR B 1133 21.86 -26.77 39.62
CA TYR B 1133 21.87 -26.99 38.17
C TYR B 1133 21.23 -28.35 37.89
N VAL B 1134 20.12 -28.33 37.17
CA VAL B 1134 19.25 -29.49 36.99
C VAL B 1134 19.00 -29.72 35.51
N ASN B 1135 19.01 -30.99 35.11
CA ASN B 1135 18.59 -31.44 33.79
C ASN B 1135 17.38 -32.35 33.92
N ALA B 1136 16.93 -32.89 32.80
CA ALA B 1136 15.80 -33.81 32.78
C ALA B 1136 15.98 -34.80 31.63
N LEU B 1137 15.41 -36.00 31.80
CA LEU B 1137 15.46 -37.06 30.79
C LEU B 1137 16.91 -37.42 30.44
N GLY B 1138 17.62 -37.89 31.45
CA GLY B 1138 18.97 -38.39 31.29
C GLY B 1138 19.10 -39.80 31.83
N ASP B 1139 20.28 -40.10 32.37
CA ASP B 1139 20.56 -41.40 32.95
C ASP B 1139 20.57 -41.28 34.47
N THR B 1140 19.72 -42.08 35.13
CA THR B 1140 19.67 -42.11 36.59
C THR B 1140 20.60 -43.17 37.16
N SER B 1141 21.85 -43.12 36.72
CA SER B 1141 22.88 -44.04 37.22
C SER B 1141 24.22 -43.37 37.47
N LYS B 1142 24.35 -42.07 37.20
CA LYS B 1142 25.53 -41.23 37.30
C LYS B 1142 25.55 -40.48 38.62
N PRO B 1143 26.70 -40.44 39.32
CA PRO B 1143 26.75 -39.76 40.62
C PRO B 1143 26.62 -38.25 40.52
N ILE B 1144 26.72 -37.57 41.66
CA ILE B 1144 26.57 -36.12 41.75
C ILE B 1144 27.94 -35.51 42.00
N ARG B 1145 28.30 -34.53 41.19
CA ARG B 1145 29.56 -33.81 41.37
C ARG B 1145 29.33 -32.55 42.17
N TYR B 1146 30.31 -32.21 43.01
CA TYR B 1146 30.31 -30.96 43.77
C TYR B 1146 31.32 -30.02 43.12
N LEU B 1147 30.85 -28.85 42.73
CA LEU B 1147 31.65 -27.92 41.92
C LEU B 1147 31.83 -26.59 42.63
N ASN B 1148 32.97 -25.97 42.36
CA ASN B 1148 33.26 -24.60 42.77
C ASN B 1148 32.69 -23.64 41.73
N SER B 1149 33.13 -22.38 41.75
CA SER B 1149 32.70 -21.43 40.73
C SER B 1149 32.98 -21.94 39.32
N CYS B 1150 34.06 -22.69 39.13
CA CYS B 1150 34.37 -23.32 37.86
C CYS B 1150 33.72 -24.71 37.83
N PHE B 1151 34.00 -25.49 36.78
CA PHE B 1151 33.44 -26.83 36.63
C PHE B 1151 34.45 -27.91 36.96
N VAL B 1152 35.28 -27.67 37.98
CA VAL B 1152 36.25 -28.65 38.45
C VAL B 1152 35.81 -29.13 39.83
N GLU B 1153 35.73 -30.44 39.99
CA GLU B 1153 35.22 -31.02 41.23
C GLU B 1153 36.13 -30.65 42.41
N THR B 1154 35.51 -30.29 43.53
CA THR B 1154 36.23 -29.85 44.72
C THR B 1154 35.61 -30.54 45.93
N SER B 1155 36.02 -30.09 47.12
CA SER B 1155 35.56 -30.71 48.35
C SER B 1155 34.05 -30.53 48.52
N PRO B 1156 33.34 -31.55 48.97
CA PRO B 1156 31.88 -31.41 49.17
C PRO B 1156 31.52 -30.33 50.18
N GLN B 1157 32.32 -30.14 51.23
CA GLN B 1157 32.00 -29.11 52.23
C GLN B 1157 32.11 -27.72 51.66
N LEU B 1158 33.18 -27.44 50.91
CA LEU B 1158 33.41 -26.12 50.32
C LEU B 1158 32.91 -26.10 48.87
N ALA B 1159 31.61 -26.33 48.72
CA ALA B 1159 30.98 -26.36 47.40
C ALA B 1159 29.80 -25.40 47.38
N LYS B 1160 29.56 -24.84 46.19
CA LYS B 1160 28.45 -23.91 45.98
C LYS B 1160 27.46 -24.35 44.91
N VAL B 1161 27.91 -25.09 43.91
CA VAL B 1161 27.09 -25.49 42.77
C VAL B 1161 26.88 -26.99 42.80
N ILE B 1162 25.64 -27.43 42.61
CA ILE B 1162 25.31 -28.84 42.52
C ILE B 1162 25.00 -29.15 41.06
N GLU B 1163 25.64 -30.18 40.52
CA GLU B 1163 25.38 -30.64 39.16
C GLU B 1163 24.61 -31.96 39.26
N ILE B 1164 23.30 -31.89 39.15
CA ILE B 1164 22.44 -33.07 39.21
C ILE B 1164 22.30 -33.62 37.79
N PRO B 1165 22.68 -34.88 37.54
CA PRO B 1165 22.61 -35.38 36.15
C PRO B 1165 21.19 -35.46 35.60
N ALA B 1166 20.28 -36.13 36.30
CA ALA B 1166 18.93 -36.30 35.80
C ALA B 1166 17.99 -36.62 36.96
N LEU B 1167 16.72 -36.28 36.78
CA LEU B 1167 15.67 -36.55 37.76
C LEU B 1167 14.59 -37.48 37.26
N ILE B 1168 14.33 -37.52 35.95
CA ILE B 1168 13.31 -38.39 35.37
C ILE B 1168 14.00 -39.36 34.43
N ASP B 1169 13.78 -40.66 34.65
CA ASP B 1169 14.36 -41.68 33.80
C ASP B 1169 13.70 -41.66 32.42
N ASP B 1170 14.49 -41.98 31.41
CA ASP B 1170 14.04 -41.97 30.02
C ASP B 1170 13.70 -43.35 29.49
N SER B 1171 13.65 -44.37 30.35
CA SER B 1171 13.37 -45.73 29.94
C SER B 1171 12.01 -46.23 30.39
N ASN B 1172 11.67 -46.03 31.66
CA ASN B 1172 10.39 -46.47 32.22
C ASN B 1172 9.64 -45.29 32.80
N ALA B 1173 10.15 -44.07 32.63
CA ALA B 1173 9.55 -42.85 33.18
C ALA B 1173 9.47 -42.91 34.70
N ASP B 1174 10.59 -43.28 35.32
CA ASP B 1174 10.71 -43.23 36.76
C ASP B 1174 11.29 -41.89 37.20
N THR B 1175 11.55 -41.77 38.50
CA THR B 1175 12.10 -40.57 39.09
C THR B 1175 13.24 -40.97 40.03
N ASN B 1176 13.91 -39.96 40.61
CA ASN B 1176 15.15 -40.16 41.35
C ASN B 1176 15.00 -39.54 42.74
N ARG B 1177 14.48 -40.34 43.69
CA ARG B 1177 14.32 -39.84 45.06
C ARG B 1177 15.65 -39.67 45.76
N THR B 1178 16.67 -40.46 45.40
CA THR B 1178 17.96 -40.33 46.05
C THR B 1178 18.58 -38.97 45.78
N ALA B 1179 18.43 -38.45 44.55
CA ALA B 1179 19.00 -37.15 44.22
C ALA B 1179 18.37 -36.04 45.06
N VAL B 1180 17.04 -36.03 45.17
CA VAL B 1180 16.38 -34.98 45.94
C VAL B 1180 16.64 -35.17 47.43
N GLN B 1181 16.79 -36.42 47.90
CA GLN B 1181 17.13 -36.64 49.30
C GLN B 1181 18.51 -36.07 49.62
N GLU B 1182 19.49 -36.33 48.74
CA GLU B 1182 20.82 -35.75 48.93
C GLU B 1182 20.77 -34.23 48.82
N LEU B 1183 19.92 -33.71 47.94
CA LEU B 1183 19.74 -32.27 47.84
C LEU B 1183 19.28 -31.68 49.16
N ILE B 1184 18.21 -32.25 49.73
CA ILE B 1184 17.68 -31.76 51.01
C ILE B 1184 18.75 -31.89 52.10
N LYS B 1185 19.50 -32.99 52.09
CA LYS B 1185 20.53 -33.19 53.09
C LYS B 1185 21.64 -32.14 52.98
N TRP B 1186 21.95 -31.73 51.75
CA TRP B 1186 23.06 -30.79 51.55
C TRP B 1186 22.70 -29.39 52.05
N LEU B 1187 21.42 -29.03 52.05
CA LEU B 1187 20.99 -27.73 52.56
C LEU B 1187 21.16 -27.59 54.06
N HIS B 1188 21.52 -28.66 54.76
CA HIS B 1188 21.71 -28.61 56.21
C HIS B 1188 23.04 -27.93 56.53
N HIS B 1189 23.46 -28.01 57.80
CA HIS B 1189 24.65 -27.30 58.25
C HIS B 1189 25.90 -27.73 57.48
N SER B 1190 25.92 -28.95 56.96
CA SER B 1190 27.06 -29.50 56.23
C SER B 1190 28.35 -29.43 57.04
#